data_8QC1
#
_entry.id   8QC1
#
_cell.length_a   1.00
_cell.length_b   1.00
_cell.length_c   1.00
_cell.angle_alpha   90.00
_cell.angle_beta   90.00
_cell.angle_gamma   90.00
#
_symmetry.space_group_name_H-M   'P 1'
#
loop_
_entity.id
_entity.type
_entity.pdbx_description
1 polymer 'NADH dehydrogenase subunit M'
2 polymer 'NADH dehydrogenase subunit L'
3 non-polymer 1,2-DIACYL-GLYCEROL-3-SN-PHOSPHATE
4 non-polymer 1,2-Distearoyl-sn-glycerophosphoethanolamine
5 non-polymer CARDIOLIPIN
6 non-polymer 'CALCIUM ION'
7 non-polymer O-[(R)-{[(2R)-2,3-bis(octadecanoyloxy)propyl]oxy}(hydroxy)phosphoryl]-L-serine
8 water water
#
loop_
_entity_poly.entity_id
_entity_poly.type
_entity_poly.pdbx_seq_one_letter_code
_entity_poly.pdbx_strand_id
1 'polypeptide(L)'
;MTNLLSIITFLPIVAAIIMALFLRGQDEAAARNAKWLALLTTTATFVISLFVLFRFDPANTGFQFVEDHAWIMGLRYKMG
VDGISVLFVLLTTFMMPLTILSTWQVQDKVKEYMIAFLVLEGLMIGVFTALDLVLFYLFFEAGLIPMFLIIGIWGGKDRI
YASFKFFLYTFLGSVLMLVAMIAMYRMAGTTDIPTLLTFDFPSENFRLLGMTVVGGMQMLLFLAFFASFAVKMPMWPVHT
WLPDAHVQAPTAGSVLLAAVLLKMGGYGFLRFSLPMFPVASGVAQPYVFWLSAIAIVYTSLVALAQSDMKKVIAYSSVAH
MGYVTMGVFAANQIGVDGAIFQMLSHGFISGALFLCVGVIYDRMHTREIDAYGGLVNRMPAYAAVFMFFTMANVGLPGTS
GFVGEFLTLMGVFRVDTWVALVATSGVILSAAYALWLYRRVTLGQLIKESLKSITDMTPRERWVFIPLIAMTLILGVYPR
LVTDVTGPAVAALVQDYNQSQPAAPVATAQASH
;
M
2 'polypeptide(L)'
;MEKFVLFAPLIASLIAGLGWRAIGEKAAQYLTTGVLFLSCLISWYLFLSFDGVPRHIPVLDWVVTGDFHAEWAIRLDRLT
AIMLIVVTTVSALVHMYSLGYMAHDDNWTHDEHYKARFFAYLSFFTFAMLMLVTADNLLQMFFGWEGVGVASYLLIGFYY
KKASANAAAMKAFIVNRVGDFGFLLGIFGIYWLTGSVQFDEIFRQVPQLAQTEMHFLWRDWNAANLLGFLLFVGAMGKSA
QLLLHTWLPDAMEGPTPVSALIHAATMVTAGVFLVCRMSPLYEFAPDAKNFIVIIGATTAFFAATVGLVQNDIKRVIAYS
TCSQLGYMFVAAGVGVYSAAMFHLLTHAFFKAMLFLGAGSVIHAMHHEQDMRNYGGLRKKIPLTFWAMMIGTFAITGVGI
PLTHLGFAGFLSKDAIIESAYAGSGYAFWLLVIAACFTSFYSWRLIFLTFYGKPRGDHHAHDHAHESPPVMTIPLGVLAI
GAVFAGMVWYGPFFGDHHKVTEYFHIAGAHHEAAEGEEAEHATAEAPVEHAVADTATAEGEAAAEAEHAEIAAPVGGAIY
MHPDNHIMDEAHHAPAWVKVSPFVAMVLGLITAWTFYIANPSLPRRLAAQQPALYRFLLNKWYFDEIYEFIFVRPAKWLG
RVLWKGGDGAVIDGTINGVAMGLIPRLTRAAVRVQSGYLFHYAFAMVLGIVGLLIWVMMRGAH
;
L
#
# COMPACT_ATOMS: atom_id res chain seq x y z
N MET A 1 11.40 39.01 19.56
CA MET A 1 12.02 37.98 18.68
C MET A 1 12.95 37.15 19.56
N THR A 2 13.55 37.77 20.57
CA THR A 2 14.44 37.03 21.44
C THR A 2 13.69 36.08 22.36
N ASN A 3 12.38 36.26 22.50
CA ASN A 3 11.53 35.41 23.33
C ASN A 3 10.50 34.70 22.46
N LEU A 4 10.96 34.15 21.33
CA LEU A 4 10.04 33.69 20.31
C LEU A 4 9.25 32.47 20.77
N LEU A 5 9.89 31.57 21.52
CA LEU A 5 9.18 30.38 21.99
C LEU A 5 8.17 30.73 23.07
N SER A 6 8.51 31.68 23.96
CA SER A 6 7.56 32.10 24.97
C SER A 6 6.33 32.75 24.35
N ILE A 7 6.51 33.45 23.23
CA ILE A 7 5.36 34.08 22.58
C ILE A 7 4.39 33.03 22.06
N ILE A 8 4.90 32.04 21.31
CA ILE A 8 4.01 31.05 20.72
C ILE A 8 3.35 30.20 21.80
N THR A 9 4.03 30.03 22.94
CA THR A 9 3.47 29.22 24.03
C THR A 9 2.32 29.95 24.71
N PHE A 10 2.48 31.23 25.02
CA PHE A 10 1.55 31.95 25.87
C PHE A 10 0.65 32.90 25.11
N LEU A 11 0.90 33.14 23.83
CA LEU A 11 -0.04 33.92 23.04
C LEU A 11 -1.42 33.27 22.99
N PRO A 12 -1.55 31.97 22.71
CA PRO A 12 -2.90 31.37 22.76
C PRO A 12 -3.55 31.47 24.12
N ILE A 13 -2.79 31.34 25.20
CA ILE A 13 -3.37 31.43 26.54
C ILE A 13 -3.76 32.88 26.83
N VAL A 14 -2.90 33.83 26.46
CA VAL A 14 -3.20 35.23 26.71
C VAL A 14 -4.44 35.65 25.95
N ALA A 15 -4.58 35.19 24.71
CA ALA A 15 -5.76 35.52 23.92
C ALA A 15 -7.02 34.97 24.56
N ALA A 16 -6.93 33.77 25.15
CA ALA A 16 -8.09 33.21 25.85
C ALA A 16 -8.47 34.05 27.04
N ILE A 17 -7.49 34.57 27.77
CA ILE A 17 -7.78 35.41 28.93
C ILE A 17 -8.48 36.69 28.49
N ILE A 18 -7.97 37.33 27.43
CA ILE A 18 -8.61 38.53 26.91
C ILE A 18 -10.02 38.21 26.43
N MET A 19 -10.18 37.09 25.72
CA MET A 19 -11.50 36.71 25.23
C MET A 19 -12.47 36.55 26.39
N ALA A 20 -12.05 35.91 27.48
CA ALA A 20 -12.95 35.70 28.60
C ALA A 20 -13.36 37.03 29.22
N LEU A 21 -12.42 37.98 29.33
CA LEU A 21 -12.71 39.24 30.01
C LEU A 21 -13.60 40.14 29.15
N PHE A 22 -13.15 40.47 27.95
CA PHE A 22 -13.69 41.60 27.21
C PHE A 22 -14.65 41.19 26.10
N LEU A 23 -14.87 39.91 25.86
CA LEU A 23 -15.81 39.46 24.83
C LEU A 23 -17.13 39.18 25.52
N ARG A 24 -18.10 40.07 25.31
CA ARG A 24 -19.38 40.03 25.99
C ARG A 24 -20.48 39.62 25.02
N GLY A 25 -21.59 39.19 25.58
CA GLY A 25 -22.73 38.76 24.79
C GLY A 25 -22.74 37.27 24.57
N GLN A 26 -23.93 36.74 24.30
CA GLN A 26 -24.11 35.31 24.03
C GLN A 26 -24.84 35.03 22.72
N ASP A 27 -25.29 36.06 22.00
CA ASP A 27 -26.02 35.84 20.77
C ASP A 27 -25.07 35.32 19.69
N GLU A 28 -25.61 35.17 18.47
CA GLU A 28 -24.81 34.66 17.38
C GLU A 28 -23.65 35.61 17.07
N ALA A 29 -23.91 36.91 17.11
CA ALA A 29 -22.86 37.88 16.85
C ALA A 29 -21.73 37.74 17.85
N ALA A 30 -22.05 37.51 19.11
CA ALA A 30 -21.01 37.24 20.10
C ALA A 30 -20.25 35.97 19.77
N ALA A 31 -20.97 34.92 19.37
CA ALA A 31 -20.30 33.68 18.99
C ALA A 31 -19.44 33.87 17.74
N ARG A 32 -19.93 34.66 16.79
CA ARG A 32 -19.17 34.91 15.57
C ARG A 32 -17.85 35.59 15.88
N ASN A 33 -17.85 36.57 16.78
CA ASN A 33 -16.61 37.23 17.15
C ASN A 33 -15.64 36.25 17.79
N ALA A 34 -16.15 35.36 18.65
CA ALA A 34 -15.26 34.40 19.32
C ALA A 34 -14.57 33.50 18.32
N LYS A 35 -15.30 33.00 17.32
CA LYS A 35 -14.68 32.14 16.31
C LYS A 35 -13.58 32.87 15.56
N TRP A 36 -13.84 34.12 15.16
CA TRP A 36 -12.84 34.87 14.40
C TRP A 36 -11.61 35.17 15.24
N LEU A 37 -11.81 35.57 16.50
CA LEU A 37 -10.67 35.86 17.36
C LEU A 37 -9.81 34.62 17.56
N ALA A 38 -10.43 33.46 17.75
CA ALA A 38 -9.67 32.23 17.90
C ALA A 38 -8.91 31.91 16.62
N LEU A 39 -9.56 32.07 15.46
CA LEU A 39 -8.90 31.78 14.20
C LEU A 39 -7.71 32.70 13.97
N LEU A 40 -7.87 33.99 14.25
CA LEU A 40 -6.77 34.92 14.06
C LEU A 40 -5.62 34.63 15.03
N THR A 41 -5.94 34.25 16.26
CA THR A 41 -4.89 33.93 17.22
C THR A 41 -4.14 32.66 16.83
N THR A 42 -4.87 31.59 16.47
CA THR A 42 -4.21 30.37 16.06
C THR A 42 -3.39 30.58 14.79
N THR A 43 -3.92 31.37 13.85
CA THR A 43 -3.14 31.69 12.65
C THR A 43 -1.90 32.48 13.00
N ALA A 44 -2.01 33.43 13.91
CA ALA A 44 -0.83 34.21 14.31
C ALA A 44 0.23 33.32 14.95
N THR A 45 -0.19 32.38 15.79
CA THR A 45 0.76 31.46 16.40
C THR A 45 1.46 30.60 15.35
N PHE A 46 0.72 30.17 14.33
CA PHE A 46 1.33 29.38 13.26
C PHE A 46 2.35 30.20 12.48
N VAL A 47 2.02 31.45 12.16
CA VAL A 47 2.95 32.29 11.42
C VAL A 47 4.22 32.54 12.23
N ILE A 48 4.06 32.85 13.52
CA ILE A 48 5.23 33.08 14.35
C ILE A 48 6.08 31.83 14.44
N SER A 49 5.46 30.66 14.58
CA SER A 49 6.20 29.42 14.67
C SER A 49 6.90 29.06 13.37
N LEU A 50 6.51 29.68 12.25
CA LEU A 50 7.25 29.47 11.01
C LEU A 50 8.58 30.19 11.03
N PHE A 51 8.70 31.27 11.80
CA PHE A 51 10.01 31.89 11.98
C PHE A 51 10.97 30.95 12.69
N VAL A 52 10.48 30.22 13.70
CA VAL A 52 11.30 29.22 14.37
C VAL A 52 11.73 28.15 13.39
N LEU A 53 10.80 27.68 12.55
CA LEU A 53 11.10 26.57 11.65
C LEU A 53 12.14 26.98 10.60
N PHE A 54 12.04 28.19 10.07
CA PHE A 54 12.88 28.58 8.95
C PHE A 54 14.23 29.17 9.37
N ARG A 55 14.38 29.62 10.61
CA ARG A 55 15.69 29.96 11.12
C ARG A 55 16.32 28.82 11.93
N PHE A 56 15.63 27.70 12.08
CA PHE A 56 16.22 26.56 12.74
C PHE A 56 17.37 26.00 11.92
N ASP A 57 18.45 25.63 12.59
CA ASP A 57 19.66 25.14 11.95
C ASP A 57 19.83 23.64 12.24
N PRO A 58 19.51 22.75 11.30
CA PRO A 58 19.56 21.31 11.61
C PRO A 58 20.92 20.82 12.02
N ALA A 59 22.00 21.41 11.50
CA ALA A 59 23.34 20.92 11.81
C ALA A 59 23.64 21.01 13.29
N ASN A 60 23.23 22.10 13.93
CA ASN A 60 23.43 22.28 15.36
C ASN A 60 22.51 21.32 16.12
N THR A 61 23.10 20.33 16.78
CA THR A 61 22.32 19.36 17.55
C THR A 61 22.03 19.83 18.97
N GLY A 62 22.60 20.95 19.40
CA GLY A 62 22.22 21.54 20.66
C GLY A 62 20.91 22.29 20.56
N PHE A 63 20.45 22.76 21.71
CA PHE A 63 19.17 23.46 21.76
C PHE A 63 19.30 24.89 21.25
N GLN A 64 18.30 25.33 20.51
CA GLN A 64 18.31 26.62 19.85
C GLN A 64 17.13 27.46 20.31
N PHE A 65 17.20 28.76 20.06
CA PHE A 65 16.20 29.71 20.53
C PHE A 65 16.04 29.64 22.04
N VAL A 66 17.12 29.28 22.74
CA VAL A 66 17.03 29.00 24.16
C VAL A 66 16.89 30.30 24.93
N GLU A 67 15.91 30.33 25.84
CA GLU A 67 15.70 31.45 26.75
C GLU A 67 15.60 30.92 28.16
N ASP A 68 16.28 31.58 29.09
CA ASP A 68 16.39 31.13 30.47
C ASP A 68 16.04 32.27 31.41
N HIS A 69 15.22 31.99 32.41
CA HIS A 69 14.85 32.97 33.41
C HIS A 69 14.69 32.28 34.75
N ALA A 70 14.84 33.06 35.82
CA ALA A 70 14.64 32.52 37.16
C ALA A 70 13.16 32.25 37.39
N TRP A 71 12.89 31.27 38.25
CA TRP A 71 11.54 30.80 38.51
C TRP A 71 11.42 30.51 40.00
N ILE A 72 10.39 29.78 40.39
CA ILE A 72 10.05 29.61 41.80
C ILE A 72 10.65 28.30 42.32
N MET A 73 10.87 28.26 43.63
CA MET A 73 11.29 27.05 44.33
C MET A 73 12.61 26.51 43.79
N GLY A 74 13.50 27.42 43.39
CA GLY A 74 14.81 27.02 42.92
C GLY A 74 14.82 26.39 41.55
N LEU A 75 13.73 26.46 40.81
CA LEU A 75 13.65 25.96 39.45
C LEU A 75 13.91 27.09 38.47
N ARG A 76 14.12 26.73 37.21
CA ARG A 76 14.36 27.68 36.14
C ARG A 76 13.30 27.53 35.07
N TYR A 77 12.90 28.64 34.49
CA TYR A 77 12.00 28.64 33.34
C TYR A 77 12.87 28.67 32.10
N LYS A 78 13.08 27.52 31.49
CA LYS A 78 13.97 27.38 30.35
C LYS A 78 13.21 26.71 29.21
N MET A 79 13.33 27.28 28.01
CA MET A 79 12.71 26.73 26.82
C MET A 79 13.73 26.68 25.70
N GLY A 80 13.50 25.79 24.74
CA GLY A 80 14.38 25.66 23.60
C GLY A 80 13.99 24.47 22.75
N VAL A 81 14.43 24.44 21.50
CA VAL A 81 14.08 23.37 20.58
C VAL A 81 15.34 22.84 19.91
N ASP A 82 15.28 21.58 19.51
CA ASP A 82 16.33 20.96 18.71
C ASP A 82 15.66 20.15 17.60
N GLY A 83 16.44 19.34 16.91
CA GLY A 83 15.93 18.60 15.77
C GLY A 83 14.87 17.58 16.14
N ILE A 84 14.78 17.21 17.41
CA ILE A 84 13.82 16.19 17.83
C ILE A 84 12.46 16.79 18.20
N SER A 85 12.41 18.04 18.66
CA SER A 85 11.18 18.63 19.15
C SER A 85 10.68 19.79 18.30
N VAL A 86 11.47 20.30 17.36
CA VAL A 86 11.04 21.47 16.60
C VAL A 86 9.83 21.14 15.74
N LEU A 87 9.80 19.95 15.14
CA LEU A 87 8.70 19.63 14.22
C LEU A 87 7.40 19.35 14.96
N PHE A 88 7.47 18.90 16.22
CA PHE A 88 6.25 18.72 16.99
C PHE A 88 5.62 20.05 17.35
N VAL A 89 6.43 21.10 17.50
CA VAL A 89 5.88 22.43 17.73
C VAL A 89 5.09 22.89 16.50
N LEU A 90 5.68 22.72 15.32
CA LEU A 90 5.01 23.15 14.10
C LEU A 90 3.76 22.31 13.83
N LEU A 91 3.81 21.02 14.15
CA LEU A 91 2.62 20.19 14.02
C LEU A 91 1.49 20.71 14.90
N THR A 92 1.81 21.04 16.16
CA THR A 92 0.78 21.55 17.06
C THR A 92 0.19 22.85 16.54
N THR A 93 1.04 23.78 16.08
CA THR A 93 0.55 25.05 15.57
C THR A 93 -0.16 24.92 14.24
N PHE A 94 0.17 23.88 13.46
CA PHE A 94 -0.44 23.69 12.15
C PHE A 94 -1.86 23.16 12.28
N MET A 95 -2.11 22.23 13.20
CA MET A 95 -3.43 21.63 13.33
C MET A 95 -4.43 22.54 14.02
N MET A 96 -3.95 23.48 14.85
CA MET A 96 -4.86 24.32 15.61
C MET A 96 -5.70 25.22 14.72
N PRO A 97 -5.14 25.96 13.76
CA PRO A 97 -6.02 26.73 12.87
C PRO A 97 -7.02 25.87 12.11
N LEU A 98 -6.61 24.70 11.64
CA LEU A 98 -7.54 23.82 10.95
C LEU A 98 -8.62 23.31 11.89
N THR A 99 -8.25 22.98 13.12
CA THR A 99 -9.24 22.49 14.09
C THR A 99 -10.27 23.56 14.38
N ILE A 100 -9.85 24.80 14.55
CA ILE A 100 -10.80 25.88 14.82
C ILE A 100 -11.74 26.06 13.63
N LEU A 101 -11.19 26.03 12.41
CA LEU A 101 -12.02 26.24 11.23
C LEU A 101 -13.08 25.17 11.08
N SER A 102 -12.82 23.96 11.57
CA SER A 102 -13.79 22.88 11.48
C SER A 102 -14.96 23.07 12.43
N THR A 103 -14.78 23.80 13.54
CA THR A 103 -15.84 24.04 14.51
C THR A 103 -16.71 25.24 14.14
N TRP A 104 -16.69 25.66 12.87
CA TRP A 104 -17.38 26.88 12.50
C TRP A 104 -18.89 26.76 12.62
N GLN A 105 -19.44 25.56 12.63
CA GLN A 105 -20.88 25.36 12.65
C GLN A 105 -21.43 25.05 14.04
N VAL A 106 -20.60 25.09 15.07
CA VAL A 106 -21.05 24.83 16.43
C VAL A 106 -21.73 26.08 16.98
N GLN A 107 -22.82 25.88 17.74
CA GLN A 107 -23.56 26.97 18.34
C GLN A 107 -23.73 26.83 19.85
N ASP A 108 -23.24 25.74 20.44
CA ASP A 108 -23.45 25.49 21.87
C ASP A 108 -22.25 26.01 22.63
N LYS A 109 -22.42 27.15 23.30
CA LYS A 109 -21.38 27.73 24.14
C LYS A 109 -20.09 27.93 23.35
N VAL A 110 -20.19 28.79 22.33
CA VAL A 110 -19.08 28.97 21.41
C VAL A 110 -17.91 29.64 22.09
N LYS A 111 -18.17 30.67 22.91
CA LYS A 111 -17.08 31.41 23.53
C LYS A 111 -16.25 30.52 24.43
N GLU A 112 -16.91 29.69 25.24
CA GLU A 112 -16.18 28.77 26.11
C GLU A 112 -15.48 27.69 25.32
N TYR A 113 -16.06 27.28 24.19
CA TYR A 113 -15.44 26.27 23.34
C TYR A 113 -14.17 26.80 22.70
N MET A 114 -14.16 28.07 22.29
CA MET A 114 -12.95 28.68 21.78
C MET A 114 -11.90 28.84 22.88
N ILE A 115 -12.32 29.23 24.08
CA ILE A 115 -11.38 29.44 25.17
C ILE A 115 -10.69 28.13 25.52
N ALA A 116 -11.44 27.03 25.56
CA ALA A 116 -10.84 25.75 25.93
C ALA A 116 -9.75 25.35 24.94
N PHE A 117 -9.96 25.59 23.65
CA PHE A 117 -8.98 25.19 22.66
C PHE A 117 -7.78 26.15 22.64
N LEU A 118 -8.01 27.43 22.86
CA LEU A 118 -6.89 28.37 22.94
C LEU A 118 -6.00 28.07 24.14
N VAL A 119 -6.59 27.78 25.29
CA VAL A 119 -5.78 27.41 26.46
C VAL A 119 -5.02 26.12 26.17
N LEU A 120 -5.69 25.14 25.58
CA LEU A 120 -5.05 23.87 25.30
C LEU A 120 -3.86 24.04 24.36
N GLU A 121 -3.98 24.89 23.34
CA GLU A 121 -2.88 25.07 22.40
C GLU A 121 -1.62 25.53 23.13
N GLY A 122 -1.74 26.55 23.97
CA GLY A 122 -0.57 27.04 24.67
C GLY A 122 0.10 25.98 25.52
N LEU A 123 -0.71 25.13 26.15
CA LEU A 123 -0.14 24.07 27.00
C LEU A 123 0.48 22.96 26.16
N MET A 124 -0.11 22.66 24.99
CA MET A 124 0.49 21.65 24.12
C MET A 124 1.83 22.10 23.57
N ILE A 125 1.97 23.39 23.27
CA ILE A 125 3.23 23.89 22.73
C ILE A 125 4.32 23.81 23.80
N GLY A 126 4.00 24.15 25.04
CA GLY A 126 5.00 24.17 26.08
C GLY A 126 5.63 22.83 26.34
N VAL A 127 4.88 21.74 26.10
CA VAL A 127 5.43 20.41 26.33
C VAL A 127 6.68 20.19 25.47
N PHE A 128 6.65 20.69 24.24
CA PHE A 128 7.72 20.44 23.29
C PHE A 128 8.85 21.48 23.36
N THR A 129 8.67 22.56 24.11
CA THR A 129 9.71 23.58 24.26
C THR A 129 10.39 23.58 25.61
N ALA A 130 9.74 23.05 26.65
CA ALA A 130 10.31 23.12 27.99
C ALA A 130 11.65 22.41 28.06
N LEU A 131 12.63 23.07 28.68
CA LEU A 131 13.94 22.48 28.96
C LEU A 131 14.21 22.43 30.46
N ASP A 132 13.15 22.43 31.26
CA ASP A 132 13.24 22.22 32.70
C ASP A 132 12.37 21.04 33.06
N LEU A 133 12.89 20.16 33.93
CA LEU A 133 12.20 18.91 34.21
C LEU A 133 10.81 19.16 34.79
N VAL A 134 10.72 20.07 35.76
CA VAL A 134 9.41 20.37 36.35
C VAL A 134 8.54 21.14 35.36
N LEU A 135 9.12 22.04 34.60
CA LEU A 135 8.34 22.80 33.62
C LEU A 135 7.71 21.88 32.58
N PHE A 136 8.46 20.88 32.12
CA PHE A 136 7.87 19.92 31.19
C PHE A 136 6.70 19.19 31.83
N TYR A 137 6.85 18.79 33.09
CA TYR A 137 5.75 18.12 33.79
C TYR A 137 4.54 19.05 33.93
N LEU A 138 4.78 20.34 34.18
CA LEU A 138 3.68 21.27 34.35
C LEU A 138 2.81 21.34 33.10
N PHE A 139 3.44 21.50 31.93
CA PHE A 139 2.68 21.50 30.68
C PHE A 139 2.11 20.12 30.38
N PHE A 140 2.82 19.07 30.76
CA PHE A 140 2.38 17.71 30.47
C PHE A 140 1.07 17.38 31.18
N GLU A 141 0.94 17.78 32.45
CA GLU A 141 -0.26 17.49 33.22
C GLU A 141 -1.29 18.59 33.17
N ALA A 142 -0.89 19.83 32.84
CA ALA A 142 -1.85 20.92 32.79
C ALA A 142 -2.84 20.75 31.64
N GLY A 143 -2.41 20.12 30.55
CA GLY A 143 -3.30 19.92 29.41
C GLY A 143 -4.48 19.03 29.72
N LEU A 144 -4.42 18.29 30.83
CA LEU A 144 -5.53 17.41 31.19
C LEU A 144 -6.78 18.20 31.57
N ILE A 145 -6.62 19.42 32.07
CA ILE A 145 -7.75 20.19 32.57
C ILE A 145 -8.64 20.64 31.41
N PRO A 146 -8.14 21.42 30.45
CA PRO A 146 -9.03 21.85 29.35
C PRO A 146 -9.66 20.69 28.61
N MET A 147 -8.92 19.60 28.42
CA MET A 147 -9.46 18.47 27.67
C MET A 147 -10.49 17.70 28.49
N PHE A 148 -10.34 17.68 29.82
CA PHE A 148 -11.36 17.09 30.67
C PHE A 148 -12.70 17.79 30.48
N LEU A 149 -12.67 19.13 30.36
CA LEU A 149 -13.89 19.88 30.14
C LEU A 149 -14.38 19.82 28.69
N ILE A 150 -13.47 19.74 27.72
CA ILE A 150 -13.88 19.63 26.33
C ILE A 150 -14.71 18.37 26.12
N ILE A 151 -14.24 17.24 26.66
CA ILE A 151 -15.01 16.00 26.56
C ILE A 151 -16.29 16.10 27.36
N GLY A 152 -16.21 16.61 28.58
CA GLY A 152 -17.37 16.60 29.46
C GLY A 152 -18.51 17.46 28.96
N ILE A 153 -18.21 18.64 28.43
CA ILE A 153 -19.25 19.59 28.07
C ILE A 153 -19.80 19.28 26.68
N TRP A 154 -18.92 19.04 25.70
CA TRP A 154 -19.32 18.89 24.31
C TRP A 154 -19.23 17.46 23.81
N GLY A 155 -19.11 16.48 24.71
CA GLY A 155 -18.97 15.10 24.33
C GLY A 155 -20.30 14.42 24.09
N GLY A 156 -20.22 13.11 23.86
CA GLY A 156 -21.38 12.31 23.54
C GLY A 156 -22.13 11.85 24.77
N LYS A 157 -22.94 10.81 24.59
CA LYS A 157 -23.83 10.34 25.65
C LYS A 157 -23.07 9.68 26.80
N ASP A 158 -21.84 9.22 26.58
CA ASP A 158 -21.02 8.62 27.64
C ASP A 158 -19.83 9.50 28.00
N ARG A 159 -19.99 10.81 27.88
CA ARG A 159 -18.86 11.71 28.07
C ARG A 159 -18.45 11.83 29.54
N ILE A 160 -19.40 11.70 30.47
CA ILE A 160 -19.07 11.83 31.89
C ILE A 160 -18.07 10.77 32.30
N TYR A 161 -18.32 9.52 31.89
CA TYR A 161 -17.39 8.45 32.23
C TYR A 161 -16.08 8.59 31.47
N ALA A 162 -16.15 8.98 30.19
CA ALA A 162 -14.94 9.09 29.38
C ALA A 162 -14.02 10.19 29.91
N SER A 163 -14.59 11.32 30.33
CA SER A 163 -13.77 12.42 30.82
C SER A 163 -13.06 12.03 32.10
N PHE A 164 -13.74 11.34 33.01
CA PHE A 164 -13.11 10.92 34.25
C PHE A 164 -12.04 9.87 34.00
N LYS A 165 -12.32 8.90 33.12
CA LYS A 165 -11.32 7.89 32.80
C LYS A 165 -10.10 8.52 32.14
N PHE A 166 -10.31 9.49 31.25
CA PHE A 166 -9.19 10.14 30.58
C PHE A 166 -8.28 10.83 31.59
N PHE A 167 -8.87 11.57 32.53
CA PHE A 167 -8.08 12.35 33.47
C PHE A 167 -7.39 11.45 34.48
N LEU A 168 -8.16 10.65 35.21
CA LEU A 168 -7.59 9.87 36.31
C LEU A 168 -6.59 8.84 35.80
N TYR A 169 -6.89 8.20 34.67
CA TYR A 169 -6.01 7.15 34.17
C TYR A 169 -4.68 7.76 33.72
N THR A 170 -4.74 8.93 33.08
CA THR A 170 -3.52 9.63 32.69
C THR A 170 -2.83 10.23 33.91
N PHE A 171 -3.60 10.78 34.85
CA PHE A 171 -3.02 11.37 36.04
C PHE A 171 -2.29 10.32 36.87
N LEU A 172 -2.84 9.11 36.95
CA LEU A 172 -2.19 8.05 37.72
C LEU A 172 -0.81 7.73 37.16
N GLY A 173 -0.69 7.68 35.83
CA GLY A 173 0.61 7.37 35.24
C GLY A 173 1.63 8.47 35.47
N SER A 174 1.20 9.73 35.43
CA SER A 174 2.14 10.83 35.49
C SER A 174 2.69 11.07 36.90
N VAL A 175 1.91 10.77 37.95
CA VAL A 175 2.38 11.05 39.30
C VAL A 175 3.57 10.17 39.66
N LEU A 176 3.61 8.93 39.17
CA LEU A 176 4.79 8.11 39.37
C LEU A 176 6.02 8.75 38.72
N MET A 177 5.85 9.31 37.53
CA MET A 177 6.95 10.02 36.89
C MET A 177 7.38 11.23 37.69
N LEU A 178 6.45 11.90 38.35
CA LEU A 178 6.81 13.06 39.16
C LEU A 178 7.78 12.68 40.27
N VAL A 179 7.55 11.54 40.93
CA VAL A 179 8.44 11.10 41.99
C VAL A 179 9.83 10.78 41.43
N ALA A 180 9.87 10.16 40.24
CA ALA A 180 11.15 9.90 39.60
C ALA A 180 11.87 11.20 39.23
N MET A 181 11.12 12.19 38.74
CA MET A 181 11.75 13.47 38.41
C MET A 181 12.37 14.12 39.63
N ILE A 182 11.69 14.06 40.77
CA ILE A 182 12.26 14.61 42.00
C ILE A 182 13.55 13.87 42.36
N ALA A 183 13.56 12.56 42.16
CA ALA A 183 14.77 11.80 42.45
C ALA A 183 15.92 12.22 41.55
N MET A 184 15.65 12.41 40.25
CA MET A 184 16.70 12.89 39.35
C MET A 184 17.14 14.30 39.74
N TYR A 185 16.19 15.13 40.16
CA TYR A 185 16.54 16.46 40.65
C TYR A 185 17.47 16.37 41.86
N ARG A 186 17.19 15.45 42.77
CA ARG A 186 18.03 15.30 43.96
C ARG A 186 19.39 14.73 43.59
N MET A 187 19.44 13.72 42.72
CA MET A 187 20.71 13.09 42.37
C MET A 187 21.58 14.04 41.56
N ALA A 188 21.03 14.65 40.51
CA ALA A 188 21.82 15.49 39.64
C ALA A 188 22.00 16.91 40.17
N GLY A 189 21.20 17.31 41.16
CA GLY A 189 21.30 18.64 41.69
C GLY A 189 20.73 19.72 40.79
N THR A 190 20.01 19.34 39.74
CA THR A 190 19.47 20.30 38.79
C THR A 190 18.27 19.68 38.10
N THR A 191 17.32 20.53 37.69
CA THR A 191 16.21 20.14 36.83
C THR A 191 16.44 20.56 35.39
N ASP A 192 17.63 21.05 35.05
CA ASP A 192 17.94 21.47 33.69
C ASP A 192 18.04 20.25 32.79
N ILE A 193 17.16 20.15 31.80
CA ILE A 193 17.16 19.00 30.90
C ILE A 193 18.49 18.89 30.15
N PRO A 194 19.06 19.96 29.60
CA PRO A 194 20.37 19.82 28.95
C PRO A 194 21.45 19.25 29.87
N THR A 195 21.45 19.67 31.13
CA THR A 195 22.42 19.11 32.08
C THR A 195 22.14 17.65 32.37
N LEU A 196 20.87 17.30 32.54
CA LEU A 196 20.50 15.92 32.83
C LEU A 196 20.76 14.99 31.65
N LEU A 197 20.80 15.53 30.43
CA LEU A 197 21.06 14.68 29.27
C LEU A 197 22.47 14.12 29.28
N THR A 198 23.39 14.74 30.02
CA THR A 198 24.76 14.26 30.13
C THR A 198 25.08 13.65 31.49
N PHE A 199 24.21 13.80 32.47
CA PHE A 199 24.44 13.18 33.77
C PHE A 199 24.38 11.66 33.65
N ASP A 200 25.23 10.97 34.42
CA ASP A 200 25.27 9.52 34.44
C ASP A 200 24.52 9.03 35.67
N PHE A 201 23.29 8.60 35.47
CA PHE A 201 22.52 8.04 36.58
C PHE A 201 23.02 6.65 36.91
N PRO A 202 23.14 6.30 38.18
CA PRO A 202 23.71 5.00 38.54
C PRO A 202 22.92 3.86 37.92
N SER A 203 23.64 2.83 37.47
CA SER A 203 23.03 1.72 36.77
C SER A 203 23.38 0.37 37.40
N GLU A 204 23.91 0.36 38.62
CA GLU A 204 24.34 -0.87 39.25
C GLU A 204 23.15 -1.56 39.93
N ASN A 205 23.07 -2.88 39.76
CA ASN A 205 21.94 -3.63 40.28
C ASN A 205 21.89 -3.55 41.80
N PHE A 206 20.66 -3.55 42.33
CA PHE A 206 20.42 -3.67 43.76
C PHE A 206 19.13 -4.45 43.96
N ARG A 207 18.95 -4.95 45.18
CA ARG A 207 17.80 -5.78 45.51
C ARG A 207 16.74 -4.91 46.19
N LEU A 208 15.54 -4.90 45.62
CA LEU A 208 14.43 -4.12 46.12
C LEU A 208 13.25 -5.06 46.33
N LEU A 209 12.83 -5.22 47.58
CA LEU A 209 11.79 -6.19 47.96
C LEU A 209 12.34 -7.57 47.63
N GLY A 210 11.66 -8.39 46.85
CA GLY A 210 12.07 -9.74 46.55
C GLY A 210 12.65 -9.97 45.18
N MET A 211 12.96 -8.91 44.43
CA MET A 211 13.46 -9.04 43.06
C MET A 211 14.71 -8.21 42.88
N THR A 212 15.58 -8.69 41.99
CA THR A 212 16.76 -7.93 41.59
C THR A 212 16.36 -6.91 40.53
N VAL A 213 16.73 -5.66 40.75
CA VAL A 213 16.39 -4.58 39.82
C VAL A 213 17.51 -4.54 38.79
N VAL A 214 17.29 -5.22 37.66
CA VAL A 214 18.25 -5.25 36.58
C VAL A 214 18.27 -3.86 35.94
N GLY A 215 19.34 -3.11 36.16
CA GLY A 215 19.46 -1.74 35.71
C GLY A 215 19.61 -0.73 36.83
N GLY A 216 19.51 -1.14 38.09
CA GLY A 216 19.77 -0.24 39.19
C GLY A 216 18.79 0.91 39.23
N MET A 217 19.29 2.09 39.57
CA MET A 217 18.43 3.26 39.65
C MET A 217 17.89 3.65 38.29
N GLN A 218 18.70 3.49 37.23
CA GLN A 218 18.24 3.80 35.89
C GLN A 218 16.95 3.06 35.56
N MET A 219 16.83 1.81 36.02
CA MET A 219 15.64 1.03 35.72
C MET A 219 14.44 1.52 36.52
N LEU A 220 14.64 1.90 37.79
CA LEU A 220 13.54 2.46 38.56
C LEU A 220 13.05 3.77 37.95
N LEU A 221 13.98 4.65 37.56
CA LEU A 221 13.58 5.88 36.90
C LEU A 221 12.93 5.60 35.55
N PHE A 222 13.46 4.60 34.82
CA PHE A 222 12.88 4.27 33.52
C PHE A 222 11.43 3.82 33.67
N LEU A 223 11.15 2.97 34.67
CA LEU A 223 9.80 2.44 34.81
C LEU A 223 8.80 3.54 35.14
N ALA A 224 9.20 4.50 35.97
CA ALA A 224 8.31 5.60 36.29
C ALA A 224 8.00 6.44 35.06
N PHE A 225 9.03 6.77 34.28
CA PHE A 225 8.80 7.50 33.03
C PHE A 225 8.04 6.66 32.03
N PHE A 226 8.33 5.34 32.00
CA PHE A 226 7.62 4.47 31.09
C PHE A 226 6.13 4.41 31.40
N ALA A 227 5.78 4.34 32.69
CA ALA A 227 4.38 4.29 33.07
C ALA A 227 3.64 5.53 32.59
N SER A 228 4.29 6.70 32.66
CA SER A 228 3.65 7.92 32.19
C SER A 228 3.51 7.92 30.67
N PHE A 229 4.58 7.61 29.96
CA PHE A 229 4.57 7.71 28.51
C PHE A 229 3.83 6.55 27.86
N ALA A 230 3.84 5.37 28.48
CA ALA A 230 3.10 4.24 27.94
C ALA A 230 1.59 4.53 27.93
N VAL A 231 1.09 5.14 28.99
CA VAL A 231 -0.34 5.46 29.06
C VAL A 231 -0.67 6.58 28.08
N LYS A 232 0.21 7.56 27.95
CA LYS A 232 -0.02 8.69 27.05
C LYS A 232 0.02 8.27 25.59
N MET A 233 0.82 7.26 25.25
CA MET A 233 1.12 6.98 23.85
C MET A 233 -0.11 6.68 23.03
N PRO A 234 -0.97 5.72 23.40
CA PRO A 234 -0.85 4.73 24.47
C PRO A 234 -0.28 3.40 23.98
N MET A 235 0.29 2.62 24.88
CA MET A 235 0.73 1.26 24.58
C MET A 235 -0.28 0.26 25.10
N TRP A 236 -0.24 -0.92 24.52
CA TRP A 236 -1.04 -2.03 25.00
C TRP A 236 -0.39 -2.64 26.24
N PRO A 237 -1.17 -3.02 27.27
CA PRO A 237 -2.61 -2.96 27.43
C PRO A 237 -3.10 -1.77 28.26
N VAL A 238 -2.45 -0.61 28.18
CA VAL A 238 -2.81 0.54 29.00
C VAL A 238 -3.50 1.56 28.12
N HIS A 239 -4.20 1.08 27.10
CA HIS A 239 -4.77 1.91 26.06
C HIS A 239 -6.28 2.11 26.17
N THR A 240 -6.97 1.36 27.03
CA THR A 240 -8.42 1.31 26.99
C THR A 240 -9.08 2.63 27.34
N TRP A 241 -8.33 3.60 27.87
CA TRP A 241 -8.87 4.95 28.01
C TRP A 241 -9.15 5.58 26.64
N LEU A 242 -8.30 5.27 25.65
CA LEU A 242 -8.39 5.97 24.37
C LEU A 242 -9.69 5.71 23.63
N PRO A 243 -10.15 4.47 23.48
CA PRO A 243 -11.43 4.25 22.77
C PRO A 243 -12.61 4.93 23.44
N ASP A 244 -12.51 5.27 24.72
CA ASP A 244 -13.55 6.06 25.38
C ASP A 244 -13.38 7.54 25.07
N ALA A 245 -12.23 8.11 25.44
CA ALA A 245 -12.04 9.55 25.33
C ALA A 245 -12.11 10.02 23.88
N HIS A 246 -11.44 9.30 22.98
CA HIS A 246 -11.41 9.75 21.58
C HIS A 246 -12.78 9.64 20.93
N VAL A 247 -13.61 8.70 21.39
CA VAL A 247 -14.92 8.52 20.76
C VAL A 247 -15.94 9.47 21.35
N GLN A 248 -15.93 9.66 22.68
CA GLN A 248 -16.91 10.52 23.32
C GLN A 248 -16.57 12.00 23.20
N ALA A 249 -15.36 12.35 22.79
CA ALA A 249 -15.01 13.74 22.62
C ALA A 249 -15.73 14.33 21.42
N PRO A 250 -15.90 15.64 21.36
CA PRO A 250 -16.38 16.27 20.13
C PRO A 250 -15.36 16.12 19.03
N THR A 251 -15.82 16.30 17.79
CA THR A 251 -14.95 16.06 16.63
C THR A 251 -13.63 16.81 16.77
N ALA A 252 -13.68 18.10 17.08
CA ALA A 252 -12.46 18.87 17.24
C ALA A 252 -11.60 18.34 18.37
N GLY A 253 -12.22 17.95 19.48
CA GLY A 253 -11.46 17.36 20.58
C GLY A 253 -10.76 16.08 20.16
N SER A 254 -11.40 15.28 19.33
CA SER A 254 -10.77 14.06 18.84
C SER A 254 -9.58 14.36 17.93
N VAL A 255 -9.66 15.43 17.15
CA VAL A 255 -8.55 15.78 16.27
C VAL A 255 -7.30 16.06 17.09
N LEU A 256 -7.44 16.87 18.15
CA LEU A 256 -6.29 17.18 18.99
C LEU A 256 -5.90 16.00 19.87
N LEU A 257 -6.86 15.18 20.27
CA LEU A 257 -6.54 14.03 21.10
C LEU A 257 -5.59 13.08 20.37
N ALA A 258 -5.86 12.82 19.09
CA ALA A 258 -5.05 11.88 18.33
C ALA A 258 -3.87 12.55 17.63
N ALA A 259 -4.06 13.76 17.12
CA ALA A 259 -3.02 14.37 16.30
C ALA A 259 -1.84 14.85 17.12
N VAL A 260 -2.10 15.36 18.34
CA VAL A 260 -1.05 16.02 19.11
C VAL A 260 -0.81 15.31 20.43
N LEU A 261 -1.85 15.14 21.23
CA LEU A 261 -1.65 14.66 22.60
C LEU A 261 -0.97 13.30 22.64
N LEU A 262 -1.25 12.42 21.68
CA LEU A 262 -0.60 11.12 21.67
C LEU A 262 0.92 11.25 21.49
N LYS A 263 1.36 12.28 20.76
CA LYS A 263 2.78 12.42 20.47
C LYS A 263 3.60 12.73 21.71
N MET A 264 2.96 13.21 22.78
CA MET A 264 3.71 13.51 23.99
C MET A 264 4.30 12.26 24.61
N GLY A 265 3.67 11.09 24.38
CA GLY A 265 4.24 9.85 24.85
C GLY A 265 5.48 9.44 24.09
N GLY A 266 5.42 9.53 22.75
CA GLY A 266 6.57 9.17 21.95
C GLY A 266 7.72 10.16 22.10
N TYR A 267 7.39 11.45 22.18
CA TYR A 267 8.42 12.46 22.39
C TYR A 267 9.11 12.27 23.73
N GLY A 268 8.36 11.87 24.75
CA GLY A 268 8.97 11.62 26.05
C GLY A 268 10.03 10.55 26.00
N PHE A 269 9.78 9.49 25.25
CA PHE A 269 10.78 8.42 25.13
C PHE A 269 12.05 8.94 24.46
N LEU A 270 11.91 9.80 23.45
CA LEU A 270 13.06 10.35 22.75
C LEU A 270 13.78 11.45 23.51
N ARG A 271 13.11 12.07 24.49
CA ARG A 271 13.69 13.15 25.26
C ARG A 271 14.29 12.68 26.58
N PHE A 272 13.66 11.72 27.24
CA PHE A 272 14.09 11.28 28.56
C PHE A 272 14.53 9.83 28.58
N SER A 273 13.71 8.90 28.09
CA SER A 273 13.97 7.48 28.34
C SER A 273 15.31 7.05 27.74
N LEU A 274 15.53 7.31 26.46
CA LEU A 274 16.77 6.87 25.81
C LEU A 274 17.94 7.77 26.19
N PRO A 275 17.82 9.09 26.06
CA PRO A 275 18.97 9.94 26.40
C PRO A 275 19.42 9.81 27.85
N MET A 276 18.49 9.66 28.80
CA MET A 276 18.84 9.69 30.21
C MET A 276 18.96 8.32 30.85
N PHE A 277 18.26 7.31 30.32
CA PHE A 277 18.30 5.95 30.85
C PHE A 277 18.66 4.99 29.72
N PRO A 278 19.90 5.03 29.22
CA PRO A 278 20.25 4.16 28.10
C PRO A 278 20.36 2.70 28.49
N VAL A 279 20.95 2.41 29.65
CA VAL A 279 21.08 1.02 30.08
C VAL A 279 19.70 0.41 30.33
N ALA A 280 18.82 1.16 31.01
CA ALA A 280 17.46 0.67 31.24
C ALA A 280 16.72 0.48 29.93
N SER A 281 16.91 1.40 28.97
CA SER A 281 16.27 1.26 27.67
C SER A 281 16.75 0.01 26.95
N GLY A 282 18.04 -0.27 26.99
CA GLY A 282 18.55 -1.47 26.37
C GLY A 282 18.00 -2.74 27.00
N VAL A 283 17.82 -2.72 28.33
CA VAL A 283 17.28 -3.89 29.01
C VAL A 283 15.81 -4.09 28.67
N ALA A 284 15.06 -3.00 28.57
CA ALA A 284 13.63 -3.07 28.32
C ALA A 284 13.29 -3.27 26.86
N GLN A 285 14.27 -3.23 25.97
CA GLN A 285 14.00 -3.32 24.53
C GLN A 285 13.23 -4.57 24.16
N PRO A 286 13.60 -5.77 24.61
CA PRO A 286 12.81 -6.96 24.23
C PRO A 286 11.35 -6.87 24.61
N TYR A 287 11.05 -6.36 25.80
CA TYR A 287 9.66 -6.31 26.26
C TYR A 287 8.88 -5.25 25.50
N VAL A 288 9.49 -4.11 25.23
CA VAL A 288 8.82 -3.05 24.49
C VAL A 288 8.55 -3.48 23.06
N PHE A 289 9.46 -4.26 22.47
CA PHE A 289 9.23 -4.77 21.12
C PHE A 289 7.97 -5.60 21.06
N TRP A 290 7.79 -6.50 22.02
CA TRP A 290 6.64 -7.40 21.98
C TRP A 290 5.35 -6.73 22.40
N LEU A 291 5.42 -5.75 23.31
CA LEU A 291 4.22 -4.99 23.64
C LEU A 291 3.74 -4.21 22.42
N SER A 292 4.67 -3.66 21.64
CA SER A 292 4.30 -2.91 20.47
C SER A 292 3.80 -3.82 19.35
N ALA A 293 4.44 -4.99 19.19
CA ALA A 293 3.97 -5.94 18.19
C ALA A 293 2.57 -6.43 18.50
N ILE A 294 2.30 -6.72 19.77
CA ILE A 294 0.95 -7.13 20.16
C ILE A 294 -0.04 -6.02 19.86
N ALA A 295 0.33 -4.78 20.15
CA ALA A 295 -0.59 -3.67 19.96
C ALA A 295 -1.04 -3.56 18.50
N ILE A 296 -0.11 -3.74 17.56
CA ILE A 296 -0.46 -3.66 16.15
C ILE A 296 -1.46 -4.76 15.78
N VAL A 297 -1.14 -6.01 16.13
CA VAL A 297 -2.01 -7.12 15.78
C VAL A 297 -3.29 -7.06 16.60
N TYR A 298 -3.17 -6.83 17.90
CA TYR A 298 -4.34 -6.86 18.78
C TYR A 298 -5.35 -5.79 18.40
N THR A 299 -4.90 -4.54 18.28
CA THR A 299 -5.83 -3.44 18.01
C THR A 299 -6.29 -3.42 16.57
N SER A 300 -5.47 -3.92 15.64
CA SER A 300 -5.93 -4.05 14.26
C SER A 300 -7.10 -5.01 14.15
N LEU A 301 -7.03 -6.14 14.86
CA LEU A 301 -8.13 -7.09 14.86
C LEU A 301 -9.35 -6.52 15.58
N VAL A 302 -9.13 -5.81 16.69
CA VAL A 302 -10.25 -5.21 17.41
C VAL A 302 -10.92 -4.13 16.58
N ALA A 303 -10.14 -3.35 15.84
CA ALA A 303 -10.72 -2.35 14.94
C ALA A 303 -11.59 -3.00 13.89
N LEU A 304 -11.22 -4.19 13.42
CA LEU A 304 -12.00 -4.90 12.41
C LEU A 304 -13.37 -5.32 12.91
N ALA A 305 -13.54 -5.44 14.23
CA ALA A 305 -14.80 -5.91 14.81
C ALA A 305 -15.72 -4.79 15.27
N GLN A 306 -15.34 -3.53 15.05
CA GLN A 306 -16.13 -2.41 15.55
C GLN A 306 -17.35 -2.17 14.68
N SER A 307 -18.47 -1.85 15.33
CA SER A 307 -19.69 -1.43 14.66
C SER A 307 -19.82 0.08 14.60
N ASP A 308 -18.88 0.82 15.18
CA ASP A 308 -18.92 2.27 15.28
C ASP A 308 -17.77 2.84 14.47
N MET A 309 -18.09 3.79 13.59
CA MET A 309 -17.07 4.32 12.67
C MET A 309 -15.95 4.99 13.43
N LYS A 310 -16.29 5.78 14.47
CA LYS A 310 -15.26 6.51 15.21
C LYS A 310 -14.39 5.57 16.03
N LYS A 311 -14.93 4.41 16.44
CA LYS A 311 -14.12 3.44 17.15
C LYS A 311 -13.10 2.75 16.24
N VAL A 312 -13.42 2.61 14.95
CA VAL A 312 -12.43 2.07 14.02
C VAL A 312 -11.24 3.01 13.93
N ILE A 313 -11.51 4.31 13.80
CA ILE A 313 -10.44 5.29 13.73
C ILE A 313 -9.68 5.36 15.04
N ALA A 314 -10.40 5.31 16.17
CA ALA A 314 -9.75 5.37 17.48
C ALA A 314 -8.79 4.19 17.66
N TYR A 315 -9.26 2.98 17.37
CA TYR A 315 -8.41 1.81 17.52
C TYR A 315 -7.29 1.78 16.49
N SER A 316 -7.47 2.45 15.36
CA SER A 316 -6.39 2.54 14.38
C SER A 316 -5.20 3.29 14.95
N SER A 317 -5.45 4.31 15.78
CA SER A 317 -4.37 5.12 16.33
C SER A 317 -3.44 4.27 17.20
N VAL A 318 -4.00 3.37 18.00
CA VAL A 318 -3.17 2.54 18.87
C VAL A 318 -2.25 1.67 18.04
N ALA A 319 -2.76 1.13 16.92
CA ALA A 319 -1.93 0.31 16.05
C ALA A 319 -0.78 1.12 15.46
N HIS A 320 -1.06 2.34 15.01
CA HIS A 320 -0.02 3.16 14.39
C HIS A 320 1.06 3.54 15.39
N MET A 321 0.66 3.92 16.61
CA MET A 321 1.65 4.24 17.63
C MET A 321 2.49 3.03 18.02
N GLY A 322 1.99 1.82 17.75
CA GLY A 322 2.81 0.64 17.98
C GLY A 322 4.09 0.67 17.17
N TYR A 323 4.02 1.20 15.94
CA TYR A 323 5.21 1.35 15.12
C TYR A 323 6.18 2.35 15.74
N VAL A 324 5.66 3.44 16.30
CA VAL A 324 6.51 4.46 16.88
C VAL A 324 7.32 3.89 18.03
N THR A 325 6.67 3.13 18.91
CA THR A 325 7.35 2.58 20.07
C THR A 325 8.44 1.60 19.66
N MET A 326 8.19 0.80 18.61
CA MET A 326 9.23 -0.10 18.11
C MET A 326 10.41 0.68 17.56
N GLY A 327 10.16 1.70 16.73
CA GLY A 327 11.25 2.44 16.15
C GLY A 327 12.10 3.15 17.17
N VAL A 328 11.47 3.74 18.19
CA VAL A 328 12.22 4.46 19.20
C VAL A 328 13.20 3.54 19.92
N PHE A 329 12.73 2.38 20.33
CA PHE A 329 13.53 1.46 21.14
C PHE A 329 14.41 0.55 20.30
N ALA A 330 14.23 0.54 18.98
CA ALA A 330 15.26 -0.07 18.12
C ALA A 330 16.57 0.70 18.25
N ALA A 331 16.49 2.00 18.54
CA ALA A 331 17.64 2.79 18.95
C ALA A 331 18.74 2.79 17.89
N ASN A 332 18.35 2.82 16.63
CA ASN A 332 19.28 3.02 15.53
C ASN A 332 18.77 4.17 14.67
N GLN A 333 19.63 4.64 13.78
CA GLN A 333 19.31 5.81 12.97
C GLN A 333 17.99 5.63 12.23
N ILE A 334 17.83 4.48 11.57
CA ILE A 334 16.65 4.26 10.74
C ILE A 334 15.39 4.16 11.60
N GLY A 335 15.46 3.43 12.71
CA GLY A 335 14.28 3.27 13.54
C GLY A 335 13.82 4.57 14.16
N VAL A 336 14.76 5.38 14.66
CA VAL A 336 14.39 6.59 15.37
C VAL A 336 13.85 7.64 14.41
N ASP A 337 14.49 7.83 13.25
CA ASP A 337 13.93 8.75 12.26
C ASP A 337 12.57 8.29 11.77
N GLY A 338 12.40 6.99 11.57
CA GLY A 338 11.09 6.48 11.19
C GLY A 338 10.05 6.75 12.26
N ALA A 339 10.43 6.63 13.53
CA ALA A 339 9.50 6.87 14.62
C ALA A 339 9.02 8.31 14.63
N ILE A 340 9.94 9.26 14.46
CA ILE A 340 9.54 10.67 14.41
C ILE A 340 8.67 10.93 13.20
N PHE A 341 9.07 10.41 12.04
CA PHE A 341 8.27 10.61 10.83
C PHE A 341 6.89 10.00 10.99
N GLN A 342 6.82 8.82 11.60
CA GLN A 342 5.52 8.20 11.85
C GLN A 342 4.65 9.07 12.75
N MET A 343 5.23 9.64 13.81
CA MET A 343 4.46 10.48 14.71
C MET A 343 3.92 11.70 14.01
N LEU A 344 4.75 12.38 13.22
CA LEU A 344 4.29 13.53 12.46
C LEU A 344 3.26 13.11 11.42
N SER A 345 3.52 12.02 10.71
CA SER A 345 2.60 11.55 9.68
C SER A 345 1.24 11.24 10.26
N HIS A 346 1.20 10.50 11.38
CA HIS A 346 -0.06 10.14 11.99
C HIS A 346 -0.87 11.37 12.40
N GLY A 347 -0.19 12.49 12.66
CA GLY A 347 -0.92 13.70 13.01
C GLY A 347 -1.83 14.19 11.91
N PHE A 348 -1.31 14.22 10.67
CA PHE A 348 -2.12 14.67 9.55
C PHE A 348 -3.21 13.66 9.21
N ILE A 349 -2.86 12.39 9.13
CA ILE A 349 -3.81 11.39 8.67
C ILE A 349 -4.92 11.18 9.70
N SER A 350 -4.54 10.95 10.95
CA SER A 350 -5.56 10.69 11.98
C SER A 350 -6.45 11.90 12.17
N GLY A 351 -5.88 13.10 12.14
CA GLY A 351 -6.70 14.30 12.22
C GLY A 351 -7.70 14.39 11.09
N ALA A 352 -7.25 14.08 9.87
CA ALA A 352 -8.15 14.10 8.72
C ALA A 352 -9.26 13.07 8.85
N LEU A 353 -8.92 11.87 9.34
CA LEU A 353 -9.93 10.82 9.45
C LEU A 353 -11.00 11.19 10.47
N PHE A 354 -10.62 11.81 11.58
CA PHE A 354 -11.63 12.25 12.54
C PHE A 354 -12.48 13.36 11.97
N LEU A 355 -11.90 14.22 11.12
CA LEU A 355 -12.70 15.22 10.42
C LEU A 355 -13.63 14.58 9.40
N CYS A 356 -13.22 13.46 8.80
CA CYS A 356 -14.11 12.73 7.91
C CYS A 356 -15.31 12.18 8.67
N VAL A 357 -15.09 11.66 9.88
CA VAL A 357 -16.21 11.19 10.69
C VAL A 357 -17.12 12.36 11.03
N GLY A 358 -16.54 13.55 11.26
CA GLY A 358 -17.34 14.71 11.60
C GLY A 358 -18.24 15.15 10.47
N VAL A 359 -17.78 15.02 9.23
CA VAL A 359 -18.55 15.52 8.09
C VAL A 359 -19.91 14.82 8.03
N ILE A 360 -19.90 13.49 8.16
CA ILE A 360 -21.16 12.75 8.09
C ILE A 360 -21.89 12.75 9.43
N TYR A 361 -21.15 12.90 10.54
CA TYR A 361 -21.81 13.00 11.83
C TYR A 361 -22.65 14.26 11.92
N ASP A 362 -22.14 15.38 11.38
CA ASP A 362 -22.90 16.62 11.40
C ASP A 362 -24.19 16.51 10.60
N ARG A 363 -24.28 15.56 9.67
CA ARG A 363 -25.46 15.44 8.83
C ARG A 363 -26.44 14.39 9.34
N MET A 364 -25.95 13.25 9.83
CA MET A 364 -26.81 12.17 10.25
C MET A 364 -26.85 11.97 11.76
N HIS A 365 -25.91 12.56 12.51
CA HIS A 365 -25.91 12.47 13.97
C HIS A 365 -25.85 11.03 14.45
N THR A 366 -25.18 10.17 13.69
CA THR A 366 -24.97 8.79 14.09
C THR A 366 -23.56 8.38 13.66
N ARG A 367 -22.92 7.55 14.47
CA ARG A 367 -21.61 7.01 14.15
C ARG A 367 -21.65 5.55 13.74
N GLU A 368 -22.83 4.93 13.73
CA GLU A 368 -22.92 3.53 13.35
C GLU A 368 -22.57 3.36 11.87
N ILE A 369 -21.76 2.35 11.58
CA ILE A 369 -21.39 2.07 10.20
C ILE A 369 -22.62 1.64 9.41
N ASP A 370 -23.50 0.86 10.02
CA ASP A 370 -24.67 0.35 9.31
C ASP A 370 -25.69 1.43 9.00
N ALA A 371 -25.53 2.63 9.56
CA ALA A 371 -26.47 3.72 9.29
C ALA A 371 -26.22 4.41 7.97
N TYR A 372 -25.14 4.08 7.27
CA TYR A 372 -24.74 4.75 6.05
C TYR A 372 -24.74 3.74 4.89
N GLY A 373 -24.23 4.19 3.74
CA GLY A 373 -24.13 3.32 2.59
C GLY A 373 -24.38 4.08 1.30
N GLY A 374 -23.48 3.91 0.33
CA GLY A 374 -23.64 4.60 -0.94
C GLY A 374 -23.59 6.10 -0.83
N LEU A 375 -22.77 6.65 0.08
CA LEU A 375 -22.64 8.09 0.18
C LEU A 375 -21.97 8.68 -1.05
N VAL A 376 -21.15 7.90 -1.75
CA VAL A 376 -20.49 8.39 -2.95
C VAL A 376 -21.51 8.87 -3.97
N ASN A 377 -22.73 8.32 -3.93
CA ASN A 377 -23.75 8.69 -4.90
C ASN A 377 -24.17 10.14 -4.73
N ARG A 378 -24.24 10.62 -3.49
CA ARG A 378 -24.61 12.00 -3.22
C ARG A 378 -23.45 12.87 -2.77
N MET A 379 -22.32 12.28 -2.41
CA MET A 379 -21.20 13.00 -1.78
C MET A 379 -19.92 12.68 -2.52
N PRO A 380 -19.77 13.15 -3.75
CA PRO A 380 -18.56 12.79 -4.52
C PRO A 380 -17.27 13.27 -3.87
N ALA A 381 -17.21 14.55 -3.49
CA ALA A 381 -15.97 15.09 -2.94
C ALA A 381 -15.59 14.41 -1.64
N TYR A 382 -16.57 14.14 -0.77
CA TYR A 382 -16.27 13.45 0.48
C TYR A 382 -15.74 12.05 0.23
N ALA A 383 -16.30 11.34 -0.74
CA ALA A 383 -15.84 10.00 -1.04
C ALA A 383 -14.40 10.00 -1.51
N ALA A 384 -13.99 11.03 -2.23
CA ALA A 384 -12.61 11.12 -2.70
C ALA A 384 -11.66 11.44 -1.55
N VAL A 385 -12.02 12.40 -0.70
CA VAL A 385 -11.18 12.74 0.44
C VAL A 385 -11.08 11.56 1.39
N PHE A 386 -12.20 10.89 1.66
CA PHE A 386 -12.18 9.78 2.58
C PHE A 386 -11.37 8.60 2.05
N MET A 387 -11.35 8.40 0.73
CA MET A 387 -10.52 7.34 0.18
C MET A 387 -9.05 7.70 0.24
N PHE A 388 -8.71 8.95 -0.01
CA PHE A 388 -7.31 9.36 0.02
C PHE A 388 -6.71 9.12 1.40
N PHE A 389 -7.42 9.53 2.45
CA PHE A 389 -6.91 9.34 3.80
C PHE A 389 -7.10 7.93 4.32
N THR A 390 -8.02 7.16 3.73
CA THR A 390 -8.03 5.72 3.98
C THR A 390 -6.76 5.07 3.44
N MET A 391 -6.32 5.49 2.25
CA MET A 391 -5.09 4.94 1.67
C MET A 391 -3.87 5.37 2.47
N ALA A 392 -3.84 6.62 2.92
CA ALA A 392 -2.74 7.05 3.78
C ALA A 392 -2.70 6.25 5.07
N ASN A 393 -3.85 5.82 5.56
CA ASN A 393 -3.90 5.08 6.82
C ASN A 393 -3.33 3.68 6.68
N VAL A 394 -3.40 3.09 5.49
CA VAL A 394 -2.90 1.74 5.27
C VAL A 394 -1.47 1.81 4.75
N GLY A 395 -0.84 2.96 4.89
CA GLY A 395 0.56 3.11 4.51
C GLY A 395 0.85 2.93 3.04
N LEU A 396 0.07 3.56 2.17
CA LEU A 396 0.31 3.45 0.75
C LEU A 396 1.51 4.30 0.36
N PRO A 397 2.50 3.75 -0.35
CA PRO A 397 3.62 4.58 -0.81
C PRO A 397 3.14 5.75 -1.65
N GLY A 398 3.83 6.87 -1.52
CA GLY A 398 3.40 8.12 -2.07
C GLY A 398 2.70 9.02 -1.09
N THR A 399 2.22 8.47 0.02
CA THR A 399 1.67 9.23 1.13
C THR A 399 2.62 9.14 2.31
N SER A 400 2.50 10.11 3.23
CA SER A 400 3.38 10.15 4.38
C SER A 400 3.24 8.93 5.26
N GLY A 401 2.14 8.16 5.12
CA GLY A 401 1.93 7.01 5.96
C GLY A 401 2.94 5.90 5.73
N PHE A 402 3.38 5.73 4.48
CA PHE A 402 4.29 4.63 4.17
C PHE A 402 5.67 4.85 4.75
N VAL A 403 6.18 6.08 4.69
CA VAL A 403 7.57 6.32 5.05
C VAL A 403 7.82 5.95 6.51
N GLY A 404 6.93 6.38 7.41
CA GLY A 404 7.14 6.11 8.82
C GLY A 404 7.10 4.63 9.13
N GLU A 405 6.09 3.93 8.60
CA GLU A 405 5.98 2.50 8.85
C GLU A 405 7.17 1.74 8.28
N PHE A 406 7.60 2.11 7.07
CA PHE A 406 8.68 1.36 6.43
C PHE A 406 9.99 1.48 7.21
N LEU A 407 10.31 2.68 7.69
CA LEU A 407 11.59 2.89 8.36
C LEU A 407 11.63 2.23 9.73
N THR A 408 10.54 2.32 10.49
CA THR A 408 10.51 1.70 11.81
C THR A 408 10.62 0.18 11.70
N LEU A 409 9.94 -0.41 10.71
CA LEU A 409 9.99 -1.85 10.53
C LEU A 409 11.40 -2.30 10.15
N MET A 410 12.08 -1.53 9.30
CA MET A 410 13.44 -1.90 8.89
C MET A 410 14.42 -1.76 10.04
N GLY A 411 14.27 -0.73 10.87
CA GLY A 411 15.16 -0.58 12.00
C GLY A 411 15.01 -1.71 13.01
N VAL A 412 13.76 -2.14 13.25
CA VAL A 412 13.52 -3.23 14.17
C VAL A 412 14.02 -4.55 13.60
N PHE A 413 13.89 -4.74 12.28
CA PHE A 413 14.39 -5.96 11.65
C PHE A 413 15.85 -6.19 11.99
N ARG A 414 16.63 -5.13 12.10
CA ARG A 414 18.04 -5.28 12.41
C ARG A 414 18.26 -5.90 13.78
N VAL A 415 17.33 -5.69 14.71
CA VAL A 415 17.49 -6.15 16.08
C VAL A 415 16.80 -7.49 16.28
N ASP A 416 15.51 -7.56 15.96
CA ASP A 416 14.70 -8.75 16.18
C ASP A 416 13.84 -9.01 14.95
N THR A 417 14.08 -10.15 14.30
CA THR A 417 13.30 -10.49 13.11
C THR A 417 11.92 -11.03 13.47
N TRP A 418 11.77 -11.71 14.61
CA TRP A 418 10.46 -12.18 15.02
C TRP A 418 9.49 -11.01 15.19
N VAL A 419 9.94 -9.94 15.86
CA VAL A 419 9.09 -8.78 16.05
C VAL A 419 8.77 -8.13 14.70
N ALA A 420 9.77 -8.02 13.84
CA ALA A 420 9.55 -7.39 12.54
C ALA A 420 8.50 -8.14 11.73
N LEU A 421 8.53 -9.47 11.76
CA LEU A 421 7.56 -10.25 11.01
C LEU A 421 6.14 -10.01 11.53
N VAL A 422 5.96 -10.01 12.85
CA VAL A 422 4.62 -9.79 13.41
C VAL A 422 4.15 -8.38 13.12
N ALA A 423 5.02 -7.40 13.33
CA ALA A 423 4.64 -6.01 13.07
C ALA A 423 4.34 -5.79 11.59
N THR A 424 5.11 -6.43 10.71
CA THR A 424 4.90 -6.26 9.28
C THR A 424 3.53 -6.78 8.84
N SER A 425 2.90 -7.66 9.62
CA SER A 425 1.55 -8.10 9.30
C SER A 425 0.54 -6.96 9.38
N GLY A 426 0.91 -5.85 10.01
CA GLY A 426 0.01 -4.71 10.07
C GLY A 426 -0.41 -4.22 8.69
N VAL A 427 0.45 -4.39 7.70
CA VAL A 427 0.09 -3.96 6.34
C VAL A 427 -1.10 -4.77 5.83
N ILE A 428 -1.15 -6.06 6.17
CA ILE A 428 -2.29 -6.88 5.79
C ILE A 428 -3.53 -6.48 6.59
N LEU A 429 -3.36 -6.29 7.90
CA LEU A 429 -4.51 -6.06 8.77
C LEU A 429 -5.03 -4.64 8.67
N SER A 430 -4.14 -3.65 8.47
CA SER A 430 -4.61 -2.29 8.31
C SER A 430 -5.47 -2.15 7.06
N ALA A 431 -5.04 -2.77 5.97
CA ALA A 431 -5.84 -2.75 4.74
C ALA A 431 -7.19 -3.39 4.95
N ALA A 432 -7.26 -4.44 5.79
CA ALA A 432 -8.51 -5.16 5.97
C ALA A 432 -9.58 -4.27 6.60
N TYR A 433 -9.28 -3.65 7.73
CA TYR A 433 -10.31 -2.86 8.40
C TYR A 433 -10.50 -1.49 7.75
N ALA A 434 -9.43 -0.90 7.22
CA ALA A 434 -9.54 0.43 6.63
C ALA A 434 -10.39 0.41 5.37
N LEU A 435 -10.17 -0.57 4.50
CA LEU A 435 -10.95 -0.67 3.28
C LEU A 435 -12.37 -1.14 3.55
N TRP A 436 -12.56 -2.03 4.52
CA TRP A 436 -13.91 -2.48 4.85
C TRP A 436 -14.75 -1.35 5.38
N LEU A 437 -14.17 -0.48 6.21
CA LEU A 437 -14.91 0.68 6.69
C LEU A 437 -15.28 1.60 5.55
N TYR A 438 -14.32 1.88 4.67
CA TYR A 438 -14.60 2.79 3.56
C TYR A 438 -15.70 2.26 2.66
N ARG A 439 -15.67 0.96 2.37
CA ARG A 439 -16.69 0.37 1.51
C ARG A 439 -18.06 0.44 2.15
N ARG A 440 -18.17 0.02 3.41
CA ARG A 440 -19.47 -0.08 4.05
C ARG A 440 -20.13 1.28 4.23
N VAL A 441 -19.34 2.34 4.36
CA VAL A 441 -19.88 3.67 4.59
C VAL A 441 -20.14 4.39 3.28
N THR A 442 -19.17 4.37 2.37
CA THR A 442 -19.19 5.25 1.20
C THR A 442 -19.72 4.56 -0.06
N LEU A 443 -19.37 3.31 -0.30
CA LEU A 443 -19.67 2.66 -1.56
C LEU A 443 -21.00 1.92 -1.49
N GLY A 444 -21.40 1.37 -2.63
CA GLY A 444 -22.67 0.71 -2.77
C GLY A 444 -23.72 1.62 -3.38
N GLN A 445 -24.96 1.23 -3.20
CA GLN A 445 -26.10 1.98 -3.70
C GLN A 445 -26.79 2.71 -2.56
N LEU A 446 -27.34 3.89 -2.87
CA LEU A 446 -28.07 4.66 -1.88
C LEU A 446 -29.51 4.13 -1.82
N ILE A 447 -29.85 3.45 -0.73
CA ILE A 447 -31.13 2.78 -0.60
C ILE A 447 -31.91 3.22 0.63
N LYS A 448 -31.34 4.07 1.47
CA LYS A 448 -31.98 4.49 2.71
C LYS A 448 -32.66 5.84 2.54
N GLU A 449 -33.87 5.96 3.10
CA GLU A 449 -34.60 7.23 2.99
C GLU A 449 -33.87 8.35 3.70
N SER A 450 -33.24 8.04 4.84
CA SER A 450 -32.60 9.08 5.64
C SER A 450 -31.42 9.73 4.92
N LEU A 451 -30.85 9.07 3.92
CA LEU A 451 -29.71 9.60 3.18
C LEU A 451 -30.08 10.17 1.83
N LYS A 452 -31.37 10.19 1.47
CA LYS A 452 -31.75 10.60 0.13
C LYS A 452 -31.44 12.07 -0.13
N SER A 453 -31.41 12.90 0.90
CA SER A 453 -31.20 14.33 0.73
C SER A 453 -29.87 14.81 1.30
N ILE A 454 -28.94 13.89 1.59
CA ILE A 454 -27.68 14.30 2.19
C ILE A 454 -26.91 15.20 1.23
N THR A 455 -26.22 16.19 1.79
CA THR A 455 -25.45 17.15 1.01
C THR A 455 -23.99 16.76 0.97
N ASP A 456 -23.28 17.31 0.00
CA ASP A 456 -21.85 17.11 -0.15
C ASP A 456 -21.09 18.14 0.69
N MET A 457 -19.77 17.98 0.76
CA MET A 457 -18.97 18.91 1.54
C MET A 457 -19.18 20.33 1.06
N THR A 458 -19.32 21.25 2.01
CA THR A 458 -19.41 22.67 1.71
C THR A 458 -18.02 23.23 1.42
N PRO A 459 -17.95 24.44 0.85
CA PRO A 459 -16.62 24.99 0.53
C PRO A 459 -15.70 25.05 1.74
N ARG A 460 -16.23 25.40 2.92
CA ARG A 460 -15.39 25.47 4.10
C ARG A 460 -14.85 24.10 4.49
N GLU A 461 -15.70 23.07 4.43
CA GLU A 461 -15.26 21.73 4.80
C GLU A 461 -14.16 21.23 3.86
N ARG A 462 -14.28 21.53 2.57
CA ARG A 462 -13.24 21.14 1.63
C ARG A 462 -11.92 21.83 1.95
N TRP A 463 -11.98 23.13 2.28
CA TRP A 463 -10.75 23.89 2.51
C TRP A 463 -10.03 23.44 3.77
N VAL A 464 -10.75 22.86 4.73
CA VAL A 464 -10.09 22.31 5.90
C VAL A 464 -9.20 21.13 5.51
N PHE A 465 -9.65 20.33 4.54
CA PHE A 465 -8.91 19.13 4.16
C PHE A 465 -7.72 19.45 3.26
N ILE A 466 -7.81 20.50 2.45
CA ILE A 466 -6.77 20.76 1.45
C ILE A 466 -5.38 20.84 2.08
N PRO A 467 -5.16 21.59 3.16
CA PRO A 467 -3.82 21.58 3.77
C PRO A 467 -3.39 20.22 4.26
N LEU A 468 -4.32 19.39 4.71
CA LEU A 468 -3.96 18.06 5.20
C LEU A 468 -3.61 17.13 4.06
N ILE A 469 -4.32 17.23 2.93
CA ILE A 469 -3.96 16.44 1.75
C ILE A 469 -2.57 16.83 1.25
N ALA A 470 -2.29 18.14 1.20
CA ALA A 470 -1.01 18.60 0.68
C ALA A 470 0.14 18.06 1.51
N MET A 471 0.05 18.17 2.84
CA MET A 471 1.15 17.74 3.69
C MET A 471 1.38 16.23 3.56
N THR A 472 0.30 15.46 3.50
CA THR A 472 0.44 14.00 3.38
C THR A 472 1.16 13.63 2.09
N LEU A 473 0.84 14.30 0.99
CA LEU A 473 1.50 14.00 -0.28
C LEU A 473 2.92 14.54 -0.33
N ILE A 474 3.13 15.77 0.14
CA ILE A 474 4.45 16.39 0.05
C ILE A 474 5.46 15.57 0.84
N LEU A 475 5.10 15.16 2.06
CA LEU A 475 6.02 14.35 2.86
C LEU A 475 6.08 12.92 2.36
N GLY A 476 5.02 12.43 1.71
CA GLY A 476 5.08 11.11 1.11
C GLY A 476 6.04 11.04 -0.06
N VAL A 477 6.13 12.13 -0.83
CA VAL A 477 6.99 12.16 -2.00
C VAL A 477 8.37 12.73 -1.68
N TYR A 478 8.45 13.67 -0.76
CA TYR A 478 9.70 14.33 -0.39
C TYR A 478 9.85 14.34 1.13
N PRO A 479 10.09 13.17 1.73
CA PRO A 479 10.28 13.13 3.19
C PRO A 479 11.56 13.79 3.67
N ARG A 480 12.47 14.17 2.77
CA ARG A 480 13.70 14.85 3.19
C ARG A 480 13.39 16.12 3.97
N LEU A 481 12.25 16.74 3.71
CA LEU A 481 11.90 17.96 4.45
C LEU A 481 11.87 17.71 5.94
N VAL A 482 11.58 16.47 6.35
CA VAL A 482 11.54 16.10 7.75
C VAL A 482 12.86 15.48 8.19
N THR A 483 13.38 14.52 7.42
CA THR A 483 14.58 13.81 7.85
C THR A 483 15.81 14.70 7.85
N ASP A 484 15.81 15.76 7.05
CA ASP A 484 16.90 16.74 7.13
C ASP A 484 16.89 17.45 8.48
N VAL A 485 15.72 17.81 8.98
CA VAL A 485 15.63 18.50 10.27
C VAL A 485 16.03 17.55 11.40
N THR A 486 15.47 16.34 11.40
CA THR A 486 15.68 15.40 12.50
C THR A 486 16.97 14.60 12.35
N GLY A 487 17.58 14.60 11.18
CA GLY A 487 18.71 13.73 10.89
C GLY A 487 19.85 13.90 11.87
N PRO A 488 20.48 15.07 11.87
CA PRO A 488 21.64 15.27 12.75
C PRO A 488 21.32 15.07 14.22
N ALA A 489 20.13 15.46 14.66
CA ALA A 489 19.78 15.31 16.07
C ALA A 489 19.61 13.85 16.45
N VAL A 490 19.03 13.05 15.56
CA VAL A 490 18.86 11.62 15.84
C VAL A 490 20.21 10.91 15.84
N ALA A 491 21.11 11.30 14.94
CA ALA A 491 22.43 10.69 14.93
C ALA A 491 23.16 10.94 16.23
N ALA A 492 23.07 12.16 16.77
CA ALA A 492 23.69 12.44 18.06
C ALA A 492 23.04 11.62 19.17
N LEU A 493 21.72 11.48 19.12
CA LEU A 493 21.02 10.68 20.13
C LEU A 493 21.41 9.21 20.04
N VAL A 494 21.49 8.67 18.82
CA VAL A 494 21.83 7.26 18.66
C VAL A 494 23.26 6.99 19.10
N GLN A 495 24.17 7.95 18.86
CA GLN A 495 25.56 7.76 19.27
C GLN A 495 25.69 7.73 20.79
N ASP A 496 24.96 8.61 21.49
CA ASP A 496 25.01 8.60 22.95
C ASP A 496 24.47 7.29 23.51
N TYR A 497 23.38 6.77 22.92
CA TYR A 497 22.80 5.53 23.40
C TYR A 497 23.79 4.38 23.29
N ASN A 498 24.52 4.31 22.17
CA ASN A 498 25.45 3.21 21.99
C ASN A 498 26.64 3.33 22.94
N GLN A 499 27.16 4.54 23.14
CA GLN A 499 28.32 4.70 24.02
C GLN A 499 27.98 4.33 25.46
N SER A 500 26.71 4.42 25.85
CA SER A 500 26.29 4.17 27.21
C SER A 500 26.00 2.71 27.50
N GLN A 501 25.97 1.85 26.49
CA GLN A 501 25.60 0.47 26.71
C GLN A 501 26.69 -0.27 27.48
N PRO A 502 26.32 -1.23 28.33
CA PRO A 502 27.34 -1.96 29.09
C PRO A 502 28.31 -2.70 28.18
N ALA A 503 29.54 -2.84 28.66
CA ALA A 503 30.59 -3.50 27.89
C ALA A 503 30.89 -4.88 28.46
N MET B 1 13.33 13.04 -22.17
CA MET B 1 12.53 12.21 -23.13
C MET B 1 12.04 10.96 -22.43
N GLU B 2 12.91 10.32 -21.64
CA GLU B 2 12.45 9.25 -20.77
C GLU B 2 11.50 9.81 -19.72
N LYS B 3 11.78 11.01 -19.22
CA LYS B 3 10.93 11.61 -18.20
C LYS B 3 9.54 11.90 -18.74
N PHE B 4 9.43 12.35 -19.98
CA PHE B 4 8.12 12.63 -20.55
C PHE B 4 7.26 11.37 -20.56
N VAL B 5 7.84 10.24 -20.97
CA VAL B 5 7.09 8.99 -20.98
C VAL B 5 6.59 8.67 -19.58
N LEU B 6 7.43 8.88 -18.57
CA LEU B 6 7.08 8.51 -17.20
C LEU B 6 6.00 9.44 -16.64
N PHE B 7 6.18 10.74 -16.81
CA PHE B 7 5.35 11.71 -16.09
C PHE B 7 4.21 12.28 -16.91
N ALA B 8 4.26 12.18 -18.24
CA ALA B 8 3.13 12.67 -19.04
C ALA B 8 1.83 11.97 -18.70
N PRO B 9 1.79 10.63 -18.56
CA PRO B 9 0.52 10.01 -18.15
C PRO B 9 0.02 10.49 -16.80
N LEU B 10 0.91 10.76 -15.85
CA LEU B 10 0.47 11.22 -14.54
C LEU B 10 -0.16 12.60 -14.62
N ILE B 11 0.46 13.50 -15.39
CA ILE B 11 -0.10 14.85 -15.52
C ILE B 11 -1.44 14.81 -16.23
N ALA B 12 -1.55 13.98 -17.27
CA ALA B 12 -2.82 13.86 -17.98
C ALA B 12 -3.92 13.32 -17.06
N SER B 13 -3.59 12.32 -16.25
CA SER B 13 -4.59 11.75 -15.35
C SER B 13 -5.07 12.78 -14.34
N LEU B 14 -4.16 13.59 -13.80
CA LEU B 14 -4.58 14.61 -12.84
C LEU B 14 -5.48 15.65 -13.49
N ILE B 15 -5.12 16.08 -14.71
CA ILE B 15 -5.96 17.05 -15.41
C ILE B 15 -7.31 16.44 -15.74
N ALA B 16 -7.32 15.21 -16.25
CA ALA B 16 -8.59 14.57 -16.61
C ALA B 16 -9.41 14.24 -15.38
N GLY B 17 -8.77 13.68 -14.35
CA GLY B 17 -9.52 13.25 -13.17
C GLY B 17 -10.11 14.40 -12.38
N LEU B 18 -9.35 15.48 -12.22
CA LEU B 18 -9.75 16.57 -11.35
C LEU B 18 -10.31 17.78 -12.09
N GLY B 19 -9.92 17.98 -13.35
CA GLY B 19 -10.28 19.20 -14.04
C GLY B 19 -11.08 18.99 -15.31
N TRP B 20 -11.84 17.90 -15.40
CA TRP B 20 -12.64 17.67 -16.59
C TRP B 20 -13.86 18.59 -16.64
N ARG B 21 -14.35 19.04 -15.49
CA ARG B 21 -15.47 19.97 -15.48
C ARG B 21 -15.09 21.28 -16.13
N ALA B 22 -13.82 21.68 -16.03
CA ALA B 22 -13.36 22.90 -16.68
C ALA B 22 -13.21 22.73 -18.18
N ILE B 23 -12.67 21.58 -18.62
CA ILE B 23 -12.36 21.37 -20.03
C ILE B 23 -13.34 20.44 -20.73
N GLY B 24 -14.14 19.68 -20.00
CA GLY B 24 -15.12 18.80 -20.60
C GLY B 24 -14.64 17.36 -20.63
N GLU B 25 -15.61 16.44 -20.55
CA GLU B 25 -15.26 15.02 -20.54
C GLU B 25 -14.64 14.60 -21.87
N LYS B 26 -15.18 15.11 -22.99
CA LYS B 26 -14.62 14.73 -24.28
C LYS B 26 -13.17 15.13 -24.40
N ALA B 27 -12.83 16.35 -23.98
CA ALA B 27 -11.44 16.80 -24.04
C ALA B 27 -10.56 15.97 -23.11
N ALA B 28 -11.07 15.63 -21.93
CA ALA B 28 -10.29 14.85 -20.99
C ALA B 28 -9.99 13.46 -21.54
N GLN B 29 -10.93 12.87 -22.28
CA GLN B 29 -10.68 11.58 -22.91
C GLN B 29 -9.60 11.68 -23.98
N TYR B 30 -9.63 12.73 -24.80
CA TYR B 30 -8.61 12.89 -25.82
C TYR B 30 -7.26 13.24 -25.22
N LEU B 31 -7.25 14.04 -24.15
CA LEU B 31 -5.99 14.39 -23.50
C LEU B 31 -5.26 13.14 -23.03
N THR B 32 -5.95 12.28 -22.29
CA THR B 32 -5.31 11.06 -21.81
C THR B 32 -4.94 10.15 -22.96
N THR B 33 -5.85 9.98 -23.93
CA THR B 33 -5.58 9.09 -25.05
C THR B 33 -4.42 9.60 -25.90
N GLY B 34 -4.39 10.90 -26.17
CA GLY B 34 -3.31 11.44 -26.98
C GLY B 34 -1.96 11.34 -26.30
N VAL B 35 -1.93 11.53 -24.98
CA VAL B 35 -0.67 11.48 -24.27
C VAL B 35 -0.08 10.08 -24.30
N LEU B 36 -0.91 9.05 -24.14
CA LEU B 36 -0.40 7.68 -24.21
C LEU B 36 0.17 7.37 -25.58
N PHE B 37 -0.47 7.85 -26.64
CA PHE B 37 0.04 7.59 -27.98
C PHE B 37 1.37 8.29 -28.22
N LEU B 38 1.54 9.49 -27.67
CA LEU B 38 2.85 10.13 -27.71
C LEU B 38 3.87 9.35 -26.90
N SER B 39 3.50 8.92 -25.69
CA SER B 39 4.41 8.13 -24.87
C SER B 39 4.71 6.79 -25.52
N CYS B 40 3.70 6.16 -26.14
CA CYS B 40 3.94 4.92 -26.85
C CYS B 40 4.91 5.13 -28.01
N LEU B 41 4.76 6.23 -28.73
CA LEU B 41 5.67 6.52 -29.83
C LEU B 41 7.10 6.73 -29.33
N ILE B 42 7.26 7.47 -28.23
CA ILE B 42 8.59 7.66 -27.67
C ILE B 42 9.13 6.35 -27.12
N SER B 43 8.26 5.51 -26.57
CA SER B 43 8.71 4.23 -26.03
C SER B 43 9.31 3.36 -27.13
N TRP B 44 8.69 3.34 -28.31
CA TRP B 44 9.22 2.53 -29.41
C TRP B 44 10.53 3.09 -29.92
N TYR B 45 10.67 4.42 -29.96
CA TYR B 45 11.94 5.01 -30.39
C TYR B 45 13.05 4.68 -29.40
N LEU B 46 12.74 4.73 -28.11
CA LEU B 46 13.75 4.36 -27.10
C LEU B 46 14.11 2.89 -27.22
N PHE B 47 13.13 2.04 -27.51
CA PHE B 47 13.37 0.61 -27.59
C PHE B 47 14.19 0.24 -28.82
N LEU B 48 13.81 0.76 -29.99
CA LEU B 48 14.49 0.38 -31.22
C LEU B 48 15.85 1.03 -31.37
N SER B 49 16.08 2.18 -30.75
CA SER B 49 17.35 2.89 -30.85
C SER B 49 18.30 2.58 -29.70
N PHE B 50 17.89 1.75 -28.74
CA PHE B 50 18.75 1.47 -27.60
C PHE B 50 20.05 0.83 -28.06
N ASP B 51 21.18 1.34 -27.56
CA ASP B 51 22.49 0.92 -28.00
C ASP B 51 23.18 -0.04 -27.04
N GLY B 52 22.48 -0.52 -26.01
CA GLY B 52 23.02 -1.52 -25.11
C GLY B 52 23.81 -0.97 -23.94
N VAL B 53 23.87 0.35 -23.77
CA VAL B 53 24.55 0.98 -22.65
C VAL B 53 23.49 1.49 -21.70
N PRO B 54 23.28 0.85 -20.54
CA PRO B 54 22.22 1.30 -19.63
C PRO B 54 22.40 2.76 -19.23
N ARG B 55 21.28 3.47 -19.12
CA ARG B 55 21.26 4.88 -18.76
C ARG B 55 20.57 5.07 -17.43
N HIS B 56 21.04 6.03 -16.64
CA HIS B 56 20.45 6.37 -15.37
C HIS B 56 20.10 7.85 -15.39
N ILE B 57 18.84 8.17 -15.13
CA ILE B 57 18.32 9.53 -15.21
C ILE B 57 17.75 9.90 -13.85
N PRO B 58 18.50 10.64 -13.03
CA PRO B 58 17.97 11.02 -11.71
C PRO B 58 16.80 11.97 -11.85
N VAL B 59 15.89 11.90 -10.88
CA VAL B 59 14.73 12.78 -10.84
C VAL B 59 14.72 13.55 -9.53
N LEU B 60 14.68 12.83 -8.42
CA LEU B 60 14.56 13.47 -7.12
C LEU B 60 14.95 12.45 -6.04
N ASP B 61 15.47 12.96 -4.93
CA ASP B 61 15.75 12.11 -3.78
C ASP B 61 14.45 11.80 -3.05
N TRP B 62 14.21 10.51 -2.77
CA TRP B 62 12.99 10.14 -2.10
C TRP B 62 13.18 9.99 -0.59
N VAL B 63 13.95 9.00 -0.16
CA VAL B 63 14.11 8.68 1.25
C VAL B 63 15.60 8.65 1.56
N VAL B 64 16.03 9.49 2.49
CA VAL B 64 17.43 9.57 2.88
C VAL B 64 17.48 9.62 4.40
N THR B 65 18.10 8.61 5.01
CA THR B 65 18.12 8.49 6.46
C THR B 65 19.37 7.72 6.86
N GLY B 66 20.34 8.41 7.43
CA GLY B 66 21.60 7.77 7.77
C GLY B 66 22.27 7.26 6.51
N ASP B 67 22.64 5.97 6.52
CA ASP B 67 23.24 5.35 5.35
C ASP B 67 22.21 4.86 4.34
N PHE B 68 20.93 4.94 4.65
CA PHE B 68 19.90 4.51 3.72
C PHE B 68 19.50 5.66 2.81
N HIS B 69 19.55 5.43 1.50
CA HIS B 69 19.08 6.41 0.54
C HIS B 69 18.41 5.69 -0.62
N ALA B 70 17.21 6.14 -0.96
CA ALA B 70 16.48 5.68 -2.14
C ALA B 70 15.98 6.91 -2.88
N GLU B 71 16.07 6.88 -4.20
CA GLU B 71 15.81 8.04 -5.02
C GLU B 71 14.73 7.74 -6.05
N TRP B 72 13.98 8.79 -6.40
CA TRP B 72 13.18 8.77 -7.62
C TRP B 72 14.13 8.86 -8.80
N ALA B 73 14.20 7.79 -9.59
CA ALA B 73 15.15 7.74 -10.69
C ALA B 73 14.60 6.85 -11.79
N ILE B 74 15.16 7.01 -12.98
CA ILE B 74 14.81 6.19 -14.13
C ILE B 74 16.03 5.37 -14.52
N ARG B 75 15.85 4.06 -14.62
CA ARG B 75 16.86 3.16 -15.16
C ARG B 75 16.37 2.65 -16.49
N LEU B 76 17.16 2.84 -17.54
CA LEU B 76 16.83 2.37 -18.87
C LEU B 76 17.88 1.37 -19.32
N ASP B 77 17.49 0.10 -19.41
CA ASP B 77 18.31 -0.94 -19.99
C ASP B 77 17.41 -1.76 -20.91
N ARG B 78 17.92 -2.89 -21.40
CA ARG B 78 17.09 -3.73 -22.27
C ARG B 78 15.82 -4.17 -21.55
N LEU B 79 15.94 -4.52 -20.27
CA LEU B 79 14.78 -5.06 -19.55
C LEU B 79 13.69 -4.00 -19.41
N THR B 80 14.08 -2.76 -19.13
CA THR B 80 13.12 -1.67 -19.04
C THR B 80 12.53 -1.34 -20.41
N ALA B 81 13.37 -1.32 -21.45
CA ALA B 81 12.88 -0.95 -22.78
C ALA B 81 11.83 -1.93 -23.26
N ILE B 82 11.99 -3.21 -22.95
CA ILE B 82 10.97 -4.19 -23.33
C ILE B 82 9.64 -3.86 -22.65
N MET B 83 9.71 -3.51 -21.36
CA MET B 83 8.49 -3.21 -20.63
C MET B 83 7.86 -1.90 -21.06
N LEU B 84 8.67 -0.96 -21.56
CA LEU B 84 8.13 0.33 -21.98
C LEU B 84 7.15 0.16 -23.14
N ILE B 85 7.55 -0.56 -24.18
CA ILE B 85 6.68 -0.73 -25.33
C ILE B 85 5.49 -1.59 -24.99
N VAL B 86 5.64 -2.54 -24.07
CA VAL B 86 4.52 -3.39 -23.69
C VAL B 86 3.48 -2.58 -22.93
N VAL B 87 3.92 -1.78 -21.95
CA VAL B 87 2.97 -1.04 -21.13
C VAL B 87 2.28 0.05 -21.95
N THR B 88 3.07 0.83 -22.69
CA THR B 88 2.49 1.98 -23.38
C THR B 88 1.68 1.56 -24.60
N THR B 89 2.11 0.52 -25.30
CA THR B 89 1.37 0.09 -26.49
C THR B 89 0.01 -0.48 -26.11
N VAL B 90 -0.03 -1.38 -25.12
CA VAL B 90 -1.30 -1.94 -24.69
C VAL B 90 -2.14 -0.88 -24.01
N SER B 91 -1.52 -0.03 -23.19
CA SER B 91 -2.27 1.04 -22.54
C SER B 91 -2.84 2.02 -23.55
N ALA B 92 -2.05 2.39 -24.56
CA ALA B 92 -2.55 3.32 -25.56
C ALA B 92 -3.73 2.72 -26.33
N LEU B 93 -3.63 1.44 -26.70
CA LEU B 93 -4.71 0.82 -27.45
C LEU B 93 -5.97 0.66 -26.59
N VAL B 94 -5.80 0.38 -25.30
CA VAL B 94 -6.96 0.28 -24.43
C VAL B 94 -7.66 1.64 -24.30
N HIS B 95 -6.88 2.72 -24.23
CA HIS B 95 -7.47 4.05 -24.24
C HIS B 95 -8.31 4.27 -25.50
N MET B 96 -7.75 3.96 -26.66
CA MET B 96 -8.49 4.11 -27.91
C MET B 96 -9.70 3.18 -27.94
N TYR B 97 -9.50 1.92 -27.51
CA TYR B 97 -10.61 0.98 -27.46
C TYR B 97 -11.69 1.45 -26.52
N SER B 98 -11.30 2.02 -25.38
CA SER B 98 -12.27 2.45 -24.38
C SER B 98 -13.14 3.60 -24.86
N LEU B 99 -12.67 4.38 -25.86
CA LEU B 99 -13.48 5.49 -26.35
C LEU B 99 -14.82 5.02 -26.90
N GLY B 100 -14.88 3.79 -27.42
CA GLY B 100 -16.12 3.26 -27.91
C GLY B 100 -16.81 2.35 -26.91
N TYR B 101 -16.03 1.56 -26.18
CA TYR B 101 -16.62 0.60 -25.26
C TYR B 101 -17.40 1.29 -24.15
N MET B 102 -16.89 2.40 -23.63
CA MET B 102 -17.55 3.15 -22.58
C MET B 102 -18.35 4.33 -23.13
N ALA B 103 -18.66 4.31 -24.44
CA ALA B 103 -19.40 5.41 -25.03
C ALA B 103 -20.76 5.58 -24.35
N HIS B 104 -21.44 4.48 -24.07
CA HIS B 104 -22.71 4.50 -23.36
C HIS B 104 -22.73 3.28 -22.45
N ASP B 105 -22.71 3.51 -21.15
CA ASP B 105 -22.61 2.44 -20.15
C ASP B 105 -23.92 2.37 -19.38
N ASP B 106 -24.54 1.20 -19.37
CA ASP B 106 -25.81 1.04 -18.67
C ASP B 106 -25.67 1.05 -17.16
N ASN B 107 -24.46 0.82 -16.65
CA ASN B 107 -24.25 0.82 -15.21
C ASN B 107 -24.47 2.19 -14.59
N TRP B 108 -24.54 3.25 -15.39
CA TRP B 108 -24.67 4.61 -14.90
C TRP B 108 -25.91 5.27 -15.51
N THR B 109 -26.65 6.01 -14.69
CA THR B 109 -27.74 6.81 -15.21
C THR B 109 -27.19 8.04 -15.91
N HIS B 110 -28.04 8.68 -16.72
CA HIS B 110 -27.58 9.82 -17.50
C HIS B 110 -27.11 10.96 -16.60
N ASP B 111 -27.65 11.06 -15.39
CA ASP B 111 -27.18 12.09 -14.46
C ASP B 111 -25.72 11.88 -14.10
N GLU B 112 -25.32 10.64 -13.87
CA GLU B 112 -23.97 10.35 -13.41
C GLU B 112 -22.94 10.54 -14.52
N HIS B 113 -21.78 11.07 -14.15
CA HIS B 113 -20.65 11.21 -15.06
C HIS B 113 -19.58 10.22 -14.67
N TYR B 114 -19.07 9.48 -15.64
CA TYR B 114 -18.04 8.47 -15.39
C TYR B 114 -16.90 8.48 -16.39
N LYS B 115 -17.07 9.04 -17.59
CA LYS B 115 -16.07 8.83 -18.64
C LYS B 115 -14.72 9.42 -18.27
N ALA B 116 -14.70 10.66 -17.81
CA ALA B 116 -13.44 11.31 -17.47
C ALA B 116 -12.75 10.56 -16.33
N ARG B 117 -13.52 10.09 -15.34
CA ARG B 117 -12.92 9.34 -14.25
C ARG B 117 -12.29 8.04 -14.75
N PHE B 118 -12.95 7.35 -15.68
CA PHE B 118 -12.40 6.09 -16.17
C PHE B 118 -11.08 6.30 -16.88
N PHE B 119 -10.99 7.33 -17.71
CA PHE B 119 -9.74 7.57 -18.44
C PHE B 119 -8.65 8.10 -17.54
N ALA B 120 -9.02 8.82 -16.48
CA ALA B 120 -8.03 9.25 -15.50
C ALA B 120 -7.42 8.06 -14.78
N TYR B 121 -8.24 7.05 -14.48
CA TYR B 121 -7.72 5.85 -13.83
C TYR B 121 -6.78 5.09 -14.74
N LEU B 122 -7.10 5.01 -16.03
CA LEU B 122 -6.24 4.28 -16.96
C LEU B 122 -4.87 4.95 -17.07
N SER B 123 -4.83 6.28 -17.15
CA SER B 123 -3.56 6.98 -17.25
C SER B 123 -2.74 6.83 -15.97
N PHE B 124 -3.39 6.93 -14.81
CA PHE B 124 -2.65 6.77 -13.55
C PHE B 124 -2.17 5.34 -13.38
N PHE B 125 -2.99 4.37 -13.77
CA PHE B 125 -2.58 2.99 -13.68
C PHE B 125 -1.34 2.76 -14.53
N THR B 126 -1.29 3.39 -15.70
CA THR B 126 -0.10 3.33 -16.55
C THR B 126 1.09 3.97 -15.87
N PHE B 127 0.90 5.14 -15.25
CA PHE B 127 1.99 5.81 -14.57
C PHE B 127 2.56 4.92 -13.47
N ALA B 128 1.69 4.25 -12.72
CA ALA B 128 2.16 3.39 -11.65
C ALA B 128 3.06 2.28 -12.17
N MET B 129 2.69 1.69 -13.31
CA MET B 129 3.48 0.59 -13.84
C MET B 129 4.76 1.09 -14.51
N LEU B 130 4.72 2.28 -15.10
CA LEU B 130 5.95 2.85 -15.65
C LEU B 130 6.95 3.15 -14.55
N MET B 131 6.46 3.54 -13.37
CA MET B 131 7.35 3.77 -12.23
C MET B 131 7.95 2.45 -11.74
N LEU B 132 7.19 1.36 -11.85
CA LEU B 132 7.68 0.05 -11.43
C LEU B 132 8.84 -0.41 -12.31
N VAL B 133 8.73 -0.24 -13.62
CA VAL B 133 9.70 -0.83 -14.53
C VAL B 133 10.94 0.05 -14.73
N THR B 134 10.85 1.36 -14.49
CA THR B 134 12.00 2.23 -14.60
C THR B 134 12.78 2.33 -13.30
N ALA B 135 12.36 1.63 -12.25
CA ALA B 135 12.95 1.78 -10.94
C ALA B 135 14.43 1.38 -10.96
N ASP B 136 15.27 2.23 -10.39
CA ASP B 136 16.68 1.92 -10.20
C ASP B 136 16.97 1.34 -8.82
N ASN B 137 15.98 1.28 -7.93
CA ASN B 137 16.17 0.75 -6.60
C ASN B 137 14.91 0.00 -6.19
N LEU B 138 15.07 -0.86 -5.18
CA LEU B 138 13.96 -1.69 -4.74
C LEU B 138 12.84 -0.86 -4.14
N LEU B 139 13.15 0.29 -3.55
CA LEU B 139 12.11 1.08 -2.91
C LEU B 139 11.17 1.70 -3.93
N GLN B 140 11.72 2.29 -5.01
CA GLN B 140 10.86 2.81 -6.05
C GLN B 140 10.10 1.69 -6.75
N MET B 141 10.68 0.49 -6.80
CA MET B 141 9.94 -0.66 -7.31
C MET B 141 8.72 -0.93 -6.45
N PHE B 142 8.87 -0.81 -5.13
CA PHE B 142 7.73 -1.01 -4.23
C PHE B 142 6.65 0.03 -4.47
N PHE B 143 7.03 1.29 -4.71
CA PHE B 143 6.03 2.31 -4.98
C PHE B 143 5.17 1.93 -6.16
N GLY B 144 5.80 1.61 -7.29
CA GLY B 144 5.04 1.14 -8.45
C GLY B 144 4.28 -0.13 -8.14
N TRP B 145 4.87 -1.00 -7.32
CA TRP B 145 4.18 -2.21 -6.89
C TRP B 145 2.87 -1.88 -6.19
N GLU B 146 2.92 -0.99 -5.21
CA GLU B 146 1.71 -0.59 -4.50
C GLU B 146 0.85 0.35 -5.33
N GLY B 147 1.47 1.12 -6.24
CA GLY B 147 0.70 2.01 -7.08
C GLY B 147 -0.25 1.27 -7.99
N VAL B 148 0.20 0.17 -8.59
CA VAL B 148 -0.70 -0.62 -9.43
C VAL B 148 -1.73 -1.32 -8.56
N GLY B 149 -1.37 -1.65 -7.31
CA GLY B 149 -2.35 -2.24 -6.42
C GLY B 149 -3.52 -1.32 -6.15
N VAL B 150 -3.24 -0.06 -5.85
CA VAL B 150 -4.31 0.89 -5.58
C VAL B 150 -5.02 1.30 -6.87
N ALA B 151 -4.26 1.45 -7.96
CA ALA B 151 -4.89 1.77 -9.24
C ALA B 151 -5.81 0.65 -9.71
N SER B 152 -5.40 -0.60 -9.51
CA SER B 152 -6.27 -1.72 -9.86
C SER B 152 -7.50 -1.75 -8.95
N TYR B 153 -7.31 -1.46 -7.66
CA TYR B 153 -8.45 -1.44 -6.75
C TYR B 153 -9.47 -0.39 -7.17
N LEU B 154 -8.99 0.74 -7.70
CA LEU B 154 -9.90 1.77 -8.19
C LEU B 154 -10.66 1.30 -9.42
N LEU B 155 -10.03 0.50 -10.28
CA LEU B 155 -10.63 0.11 -11.54
C LEU B 155 -11.46 -1.16 -11.43
N ILE B 156 -11.05 -2.12 -10.61
CA ILE B 156 -11.87 -3.31 -10.41
C ILE B 156 -13.20 -2.92 -9.77
N GLY B 157 -13.17 -2.00 -8.81
CA GLY B 157 -14.38 -1.50 -8.19
C GLY B 157 -14.87 -0.22 -8.83
N PHE B 158 -14.69 -0.10 -10.15
CA PHE B 158 -15.18 1.09 -10.85
C PHE B 158 -16.69 1.22 -10.72
N TYR B 159 -17.41 0.12 -10.93
CA TYR B 159 -18.85 0.07 -10.71
C TYR B 159 -19.12 -0.05 -9.22
N TYR B 160 -18.91 1.06 -8.51
CA TYR B 160 -19.07 1.08 -7.06
C TYR B 160 -20.50 0.84 -6.60
N LYS B 161 -21.49 0.96 -7.47
CA LYS B 161 -22.85 0.65 -7.06
C LYS B 161 -23.12 -0.85 -6.99
N LYS B 162 -22.16 -1.67 -7.40
CA LYS B 162 -22.29 -3.12 -7.39
C LYS B 162 -21.48 -3.70 -6.24
N ALA B 163 -22.14 -4.49 -5.39
CA ALA B 163 -21.44 -5.10 -4.26
C ALA B 163 -20.37 -6.08 -4.72
N SER B 164 -20.62 -6.79 -5.82
CA SER B 164 -19.64 -7.74 -6.31
C SER B 164 -18.34 -7.04 -6.72
N ALA B 165 -18.45 -5.87 -7.35
CA ALA B 165 -17.25 -5.13 -7.72
C ALA B 165 -16.50 -4.64 -6.50
N ASN B 166 -17.22 -4.12 -5.50
CA ASN B 166 -16.57 -3.63 -4.30
C ASN B 166 -15.87 -4.75 -3.55
N ALA B 167 -16.51 -5.93 -3.47
CA ALA B 167 -15.87 -7.07 -2.83
C ALA B 167 -14.62 -7.49 -3.59
N ALA B 168 -14.69 -7.55 -4.92
CA ALA B 168 -13.54 -7.97 -5.70
C ALA B 168 -12.39 -6.99 -5.56
N ALA B 169 -12.67 -5.69 -5.60
CA ALA B 169 -11.61 -4.70 -5.47
C ALA B 169 -10.94 -4.79 -4.11
N MET B 170 -11.73 -4.95 -3.05
CA MET B 170 -11.17 -5.08 -1.72
C MET B 170 -10.32 -6.35 -1.61
N LYS B 171 -10.81 -7.46 -2.18
CA LYS B 171 -10.06 -8.71 -2.15
C LYS B 171 -8.73 -8.58 -2.86
N ALA B 172 -8.73 -7.94 -4.04
CA ALA B 172 -7.48 -7.81 -4.80
C ALA B 172 -6.45 -7.02 -4.00
N PHE B 173 -6.87 -5.95 -3.33
CA PHE B 173 -5.94 -5.16 -2.53
C PHE B 173 -5.37 -5.98 -1.38
N ILE B 174 -6.23 -6.72 -0.67
CA ILE B 174 -5.78 -7.43 0.52
C ILE B 174 -4.88 -8.61 0.15
N VAL B 175 -5.24 -9.36 -0.90
CA VAL B 175 -4.41 -10.50 -1.29
C VAL B 175 -3.04 -10.01 -1.78
N ASN B 176 -3.02 -8.88 -2.47
CA ASN B 176 -1.74 -8.32 -2.91
C ASN B 176 -0.93 -7.79 -1.74
N ARG B 177 -1.59 -7.38 -0.66
CA ARG B 177 -0.86 -6.97 0.54
C ARG B 177 -0.18 -8.16 1.21
N VAL B 178 -0.79 -9.34 1.12
CA VAL B 178 -0.14 -10.54 1.64
C VAL B 178 1.14 -10.83 0.89
N GLY B 179 1.14 -10.60 -0.42
CA GLY B 179 2.37 -10.73 -1.18
C GLY B 179 3.41 -9.68 -0.81
N ASP B 180 2.97 -8.43 -0.64
CA ASP B 180 3.88 -7.37 -0.24
C ASP B 180 4.40 -7.55 1.18
N PHE B 181 3.76 -8.40 1.96
CA PHE B 181 4.31 -8.78 3.26
C PHE B 181 5.70 -9.41 3.10
N GLY B 182 5.80 -10.43 2.26
CA GLY B 182 7.09 -11.04 2.02
C GLY B 182 8.05 -10.13 1.29
N PHE B 183 7.54 -9.34 0.35
CA PHE B 183 8.41 -8.47 -0.43
C PHE B 183 9.06 -7.42 0.46
N LEU B 184 8.31 -6.87 1.41
CA LEU B 184 8.90 -5.91 2.34
C LEU B 184 9.99 -6.55 3.19
N LEU B 185 9.73 -7.77 3.68
CA LEU B 185 10.75 -8.46 4.46
C LEU B 185 11.99 -8.73 3.63
N GLY B 186 11.84 -8.93 2.33
CA GLY B 186 13.00 -9.09 1.47
C GLY B 186 13.82 -7.82 1.36
N ILE B 187 13.14 -6.67 1.28
CA ILE B 187 13.86 -5.39 1.22
C ILE B 187 14.64 -5.16 2.49
N PHE B 188 14.04 -5.45 3.66
CA PHE B 188 14.75 -5.29 4.92
C PHE B 188 15.99 -6.16 4.95
N GLY B 189 15.86 -7.43 4.55
CA GLY B 189 17.01 -8.31 4.56
C GLY B 189 18.09 -7.89 3.58
N ILE B 190 17.69 -7.46 2.39
CA ILE B 190 18.67 -7.04 1.38
C ILE B 190 19.45 -5.84 1.86
N TYR B 191 18.76 -4.85 2.44
CA TYR B 191 19.45 -3.62 2.84
C TYR B 191 20.51 -3.90 3.89
N TRP B 192 20.18 -4.70 4.91
CA TRP B 192 21.13 -4.89 6.00
C TRP B 192 22.30 -5.77 5.60
N LEU B 193 22.09 -6.71 4.67
CA LEU B 193 23.20 -7.56 4.23
C LEU B 193 24.12 -6.83 3.25
N THR B 194 23.55 -6.01 2.37
CA THR B 194 24.35 -5.33 1.36
C THR B 194 24.58 -3.85 1.66
N GLY B 195 23.76 -3.26 2.54
CA GLY B 195 23.87 -1.84 2.82
C GLY B 195 23.27 -0.95 1.77
N SER B 196 22.45 -1.49 0.87
CA SER B 196 21.89 -0.71 -0.22
C SER B 196 20.56 -1.32 -0.67
N VAL B 197 19.78 -0.52 -1.38
CA VAL B 197 18.63 -1.01 -2.12
C VAL B 197 18.77 -0.77 -3.62
N GLN B 198 19.83 -0.08 -4.04
CA GLN B 198 20.04 0.19 -5.46
C GLN B 198 20.47 -1.08 -6.18
N PHE B 199 19.90 -1.31 -7.37
CA PHE B 199 20.07 -2.58 -8.05
C PHE B 199 21.55 -2.86 -8.35
N ASP B 200 22.26 -1.87 -8.90
CA ASP B 200 23.64 -2.10 -9.29
C ASP B 200 24.52 -2.41 -8.08
N GLU B 201 24.30 -1.71 -6.97
CA GLU B 201 25.09 -1.98 -5.78
C GLU B 201 24.73 -3.33 -5.16
N ILE B 202 23.47 -3.75 -5.28
CA ILE B 202 23.08 -5.06 -4.79
C ILE B 202 23.77 -6.16 -5.60
N PHE B 203 23.72 -6.05 -6.92
CA PHE B 203 24.22 -7.11 -7.78
C PHE B 203 25.73 -7.29 -7.63
N ARG B 204 26.45 -6.24 -7.23
CA ARG B 204 27.88 -6.38 -7.01
C ARG B 204 28.16 -7.29 -5.83
N GLN B 205 27.32 -7.26 -4.80
CA GLN B 205 27.55 -8.01 -3.59
C GLN B 205 26.86 -9.37 -3.58
N VAL B 206 26.17 -9.74 -4.66
CA VAL B 206 25.44 -11.01 -4.69
C VAL B 206 26.37 -12.19 -4.44
N PRO B 207 27.55 -12.26 -5.06
CA PRO B 207 28.42 -13.42 -4.78
C PRO B 207 28.70 -13.63 -3.31
N GLN B 208 28.88 -12.56 -2.55
CA GLN B 208 29.13 -12.70 -1.11
C GLN B 208 27.86 -13.09 -0.36
N LEU B 209 26.69 -12.70 -0.87
CA LEU B 209 25.44 -13.13 -0.24
C LEU B 209 25.29 -14.65 -0.29
N ALA B 210 25.68 -15.26 -1.41
CA ALA B 210 25.53 -16.70 -1.54
C ALA B 210 26.39 -17.47 -0.56
N GLN B 211 27.41 -16.84 0.01
CA GLN B 211 28.26 -17.47 1.02
C GLN B 211 27.99 -16.91 2.43
N THR B 212 26.87 -16.24 2.62
CA THR B 212 26.54 -15.59 3.88
C THR B 212 25.33 -16.28 4.51
N GLU B 213 25.42 -16.52 5.82
CA GLU B 213 24.31 -17.05 6.59
C GLU B 213 23.68 -15.92 7.38
N MET B 214 22.37 -15.75 7.22
CA MET B 214 21.64 -14.68 7.88
C MET B 214 20.57 -15.27 8.79
N HIS B 215 20.46 -14.74 10.00
CA HIS B 215 19.49 -15.21 10.96
C HIS B 215 18.12 -14.61 10.65
N PHE B 216 17.11 -15.47 10.59
CA PHE B 216 15.75 -15.03 10.32
C PHE B 216 14.81 -15.94 11.08
N LEU B 217 14.14 -15.39 12.10
CA LEU B 217 13.23 -16.15 12.96
C LEU B 217 13.99 -17.16 13.80
N TRP B 218 13.75 -18.46 13.58
CA TRP B 218 14.21 -19.48 14.52
C TRP B 218 15.52 -20.14 14.11
N ARG B 219 16.14 -19.73 13.01
CA ARG B 219 17.33 -20.41 12.53
C ARG B 219 18.11 -19.48 11.61
N ASP B 220 19.21 -20.00 11.08
CA ASP B 220 20.02 -19.31 10.09
C ASP B 220 19.71 -19.88 8.71
N TRP B 221 19.73 -19.01 7.71
CA TRP B 221 19.47 -19.40 6.33
C TRP B 221 20.58 -18.86 5.45
N ASN B 222 20.78 -19.51 4.30
CA ASN B 222 21.59 -18.90 3.26
C ASN B 222 20.95 -17.60 2.82
N ALA B 223 21.74 -16.53 2.81
CA ALA B 223 21.17 -15.21 2.57
C ALA B 223 20.52 -15.12 1.19
N ALA B 224 21.16 -15.70 0.18
CA ALA B 224 20.62 -15.61 -1.17
C ALA B 224 19.29 -16.35 -1.29
N ASN B 225 19.23 -17.58 -0.77
CA ASN B 225 18.00 -18.37 -0.89
C ASN B 225 16.86 -17.72 -0.14
N LEU B 226 17.11 -17.22 1.07
CA LEU B 226 16.05 -16.61 1.86
C LEU B 226 15.54 -15.34 1.21
N LEU B 227 16.44 -14.48 0.73
CA LEU B 227 16.00 -13.23 0.11
C LEU B 227 15.35 -13.47 -1.24
N GLY B 228 15.84 -14.47 -1.97
CA GLY B 228 15.17 -14.84 -3.21
C GLY B 228 13.76 -15.33 -2.97
N PHE B 229 13.56 -16.16 -1.94
CA PHE B 229 12.23 -16.63 -1.61
C PHE B 229 11.32 -15.49 -1.18
N LEU B 230 11.81 -14.61 -0.31
CA LEU B 230 10.96 -13.54 0.21
C LEU B 230 10.51 -12.59 -0.90
N LEU B 231 11.41 -12.24 -1.82
CA LEU B 231 11.01 -11.39 -2.93
C LEU B 231 10.03 -12.11 -3.85
N PHE B 232 10.16 -13.43 -3.99
CA PHE B 232 9.24 -14.17 -4.86
C PHE B 232 7.83 -14.18 -4.29
N VAL B 233 7.69 -14.16 -2.96
CA VAL B 233 6.35 -14.11 -2.37
C VAL B 233 5.60 -12.88 -2.84
N GLY B 234 6.30 -11.75 -2.95
CA GLY B 234 5.70 -10.57 -3.53
C GLY B 234 5.27 -10.79 -4.97
N ALA B 235 6.13 -11.46 -5.75
CA ALA B 235 5.81 -11.72 -7.15
C ALA B 235 4.64 -12.70 -7.28
N MET B 236 4.50 -13.64 -6.35
CA MET B 236 3.38 -14.58 -6.42
C MET B 236 2.05 -13.85 -6.34
N GLY B 237 1.94 -12.90 -5.41
CA GLY B 237 0.69 -12.16 -5.28
C GLY B 237 0.36 -11.33 -6.50
N LYS B 238 1.35 -10.61 -7.02
CA LYS B 238 1.11 -9.72 -8.15
C LYS B 238 0.78 -10.51 -9.41
N SER B 239 1.43 -11.65 -9.60
CA SER B 239 1.19 -12.51 -10.76
C SER B 239 0.14 -13.57 -10.51
N ALA B 240 -0.54 -13.53 -9.36
CA ALA B 240 -1.66 -14.42 -9.07
C ALA B 240 -1.24 -15.89 -9.20
N GLN B 241 -0.08 -16.22 -8.66
CA GLN B 241 0.38 -17.60 -8.67
C GLN B 241 -0.37 -18.40 -7.62
N LEU B 242 -0.10 -19.71 -7.57
CA LEU B 242 -0.86 -20.59 -6.71
C LEU B 242 -0.77 -20.13 -5.26
N LEU B 243 -1.90 -20.24 -4.55
CA LEU B 243 -2.15 -19.84 -3.18
C LEU B 243 -2.32 -18.33 -3.04
N LEU B 244 -2.09 -17.54 -4.09
CA LEU B 244 -2.33 -16.10 -4.06
C LEU B 244 -3.03 -15.65 -5.32
N HIS B 245 -3.84 -16.53 -5.89
CA HIS B 245 -4.43 -16.37 -7.21
C HIS B 245 -5.89 -15.95 -7.17
N THR B 246 -6.57 -16.15 -6.05
CA THR B 246 -8.02 -16.08 -6.04
C THR B 246 -8.55 -14.69 -6.38
N TRP B 247 -7.70 -13.66 -6.31
CA TRP B 247 -8.16 -12.32 -6.60
C TRP B 247 -8.30 -12.07 -8.10
N LEU B 248 -7.44 -12.66 -8.92
CA LEU B 248 -7.46 -12.37 -10.35
C LEU B 248 -8.78 -12.72 -11.03
N PRO B 249 -9.32 -13.93 -10.89
CA PRO B 249 -10.61 -14.22 -11.54
C PRO B 249 -11.75 -13.34 -11.06
N ASP B 250 -11.70 -12.86 -9.81
CA ASP B 250 -12.73 -11.94 -9.33
C ASP B 250 -12.51 -10.52 -9.83
N ALA B 251 -11.34 -10.21 -10.37
CA ALA B 251 -11.09 -8.89 -10.95
C ALA B 251 -11.88 -8.66 -12.23
N MET B 252 -12.54 -9.69 -12.76
CA MET B 252 -13.39 -9.53 -13.93
C MET B 252 -14.57 -8.61 -13.68
N GLU B 253 -14.88 -8.29 -12.42
CA GLU B 253 -16.01 -7.43 -12.12
C GLU B 253 -15.83 -6.03 -12.69
N GLY B 254 -14.61 -5.63 -13.01
CA GLY B 254 -14.38 -4.33 -13.61
C GLY B 254 -14.75 -4.32 -15.07
N PRO B 255 -14.72 -3.14 -15.66
CA PRO B 255 -14.99 -3.04 -17.10
C PRO B 255 -13.99 -3.86 -17.90
N THR B 256 -14.45 -4.37 -19.04
CA THR B 256 -13.60 -5.24 -19.85
C THR B 256 -12.27 -4.60 -20.21
N PRO B 257 -12.20 -3.33 -20.62
CA PRO B 257 -10.88 -2.76 -20.97
C PRO B 257 -9.90 -2.79 -19.82
N VAL B 258 -10.37 -2.72 -18.58
CA VAL B 258 -9.48 -2.83 -17.43
C VAL B 258 -8.80 -4.20 -17.43
N SER B 259 -9.57 -5.26 -17.69
CA SER B 259 -9.01 -6.60 -17.66
C SER B 259 -7.90 -6.76 -18.69
N ALA B 260 -8.09 -6.22 -19.89
CA ALA B 260 -7.04 -6.31 -20.91
C ALA B 260 -5.76 -5.66 -20.42
N LEU B 261 -5.88 -4.57 -19.67
CA LEU B 261 -4.70 -3.86 -19.18
C LEU B 261 -4.09 -4.58 -17.98
N ILE B 262 -4.92 -5.14 -17.09
CA ILE B 262 -4.39 -5.85 -15.93
C ILE B 262 -3.75 -7.17 -16.34
N HIS B 263 -4.41 -7.92 -17.22
CA HIS B 263 -4.00 -9.30 -17.49
C HIS B 263 -2.89 -9.40 -18.53
N ALA B 264 -2.70 -8.37 -19.36
CA ALA B 264 -1.72 -8.46 -20.43
C ALA B 264 -0.46 -7.66 -20.17
N ALA B 265 -0.57 -6.47 -19.57
CA ALA B 265 0.56 -5.56 -19.49
C ALA B 265 1.02 -5.29 -18.07
N THR B 266 0.13 -4.87 -17.17
CA THR B 266 0.56 -4.13 -15.98
C THR B 266 0.70 -5.00 -14.73
N MET B 267 -0.38 -5.56 -14.21
CA MET B 267 -0.27 -6.16 -12.89
C MET B 267 0.42 -7.52 -12.94
N VAL B 268 -0.15 -8.45 -13.70
CA VAL B 268 0.33 -9.83 -13.66
C VAL B 268 1.78 -9.90 -14.13
N THR B 269 2.15 -9.09 -15.12
CA THR B 269 3.51 -9.16 -15.64
C THR B 269 4.53 -8.62 -14.66
N ALA B 270 4.12 -7.84 -13.66
CA ALA B 270 5.07 -7.24 -12.74
C ALA B 270 5.84 -8.30 -11.97
N GLY B 271 5.19 -9.38 -11.58
CA GLY B 271 5.88 -10.43 -10.86
C GLY B 271 6.98 -11.07 -11.68
N VAL B 272 6.71 -11.36 -12.96
CA VAL B 272 7.72 -11.93 -13.84
C VAL B 272 8.86 -10.94 -14.05
N PHE B 273 8.51 -9.65 -14.17
CA PHE B 273 9.54 -8.63 -14.34
C PHE B 273 10.48 -8.59 -13.14
N LEU B 274 9.94 -8.72 -11.93
CA LEU B 274 10.77 -8.65 -10.74
C LEU B 274 11.81 -9.77 -10.72
N VAL B 275 11.39 -10.99 -11.04
CA VAL B 275 12.33 -12.11 -11.04
C VAL B 275 13.41 -11.91 -12.09
N CYS B 276 13.02 -11.42 -13.27
CA CYS B 276 14.00 -11.20 -14.32
C CYS B 276 14.91 -10.03 -13.99
N ARG B 277 14.37 -8.97 -13.39
CA ARG B 277 15.19 -7.85 -12.96
C ARG B 277 16.16 -8.26 -11.86
N MET B 278 15.79 -9.24 -11.05
CA MET B 278 16.62 -9.72 -9.95
C MET B 278 17.35 -11.02 -10.29
N SER B 279 17.46 -11.35 -11.57
CA SER B 279 18.13 -12.58 -11.96
C SER B 279 19.56 -12.69 -11.41
N PRO B 280 20.34 -11.62 -11.28
CA PRO B 280 21.66 -11.78 -10.65
C PRO B 280 21.59 -12.43 -9.29
N LEU B 281 20.55 -12.14 -8.50
CA LEU B 281 20.41 -12.77 -7.19
C LEU B 281 19.95 -14.22 -7.31
N TYR B 282 18.95 -14.48 -8.15
CA TYR B 282 18.41 -15.83 -8.24
C TYR B 282 19.40 -16.80 -8.86
N GLU B 283 20.30 -16.32 -9.73
CA GLU B 283 21.31 -17.20 -10.29
C GLU B 283 22.27 -17.71 -9.22
N PHE B 284 22.40 -17.00 -8.11
CA PHE B 284 23.21 -17.45 -6.98
C PHE B 284 22.36 -18.03 -5.86
N ALA B 285 21.08 -18.29 -6.11
CA ALA B 285 20.17 -18.85 -5.11
C ALA B 285 19.51 -20.09 -5.70
N PRO B 286 20.23 -21.21 -5.74
CA PRO B 286 19.66 -22.41 -6.39
C PRO B 286 18.36 -22.88 -5.77
N ASP B 287 18.21 -22.78 -4.45
CA ASP B 287 17.01 -23.29 -3.80
C ASP B 287 15.82 -22.38 -4.01
N ALA B 288 16.03 -21.07 -4.11
CA ALA B 288 14.93 -20.18 -4.45
C ALA B 288 14.42 -20.46 -5.86
N LYS B 289 15.33 -20.74 -6.80
CA LYS B 289 14.93 -21.03 -8.16
C LYS B 289 14.07 -22.29 -8.23
N ASN B 290 14.42 -23.31 -7.46
CA ASN B 290 13.62 -24.53 -7.46
C ASN B 290 12.19 -24.25 -7.03
N PHE B 291 12.01 -23.44 -5.99
CA PHE B 291 10.66 -23.10 -5.54
C PHE B 291 9.89 -22.36 -6.61
N ILE B 292 10.58 -21.49 -7.37
CA ILE B 292 9.91 -20.76 -8.44
C ILE B 292 9.41 -21.71 -9.52
N VAL B 293 10.18 -22.76 -9.81
CA VAL B 293 9.75 -23.72 -10.83
C VAL B 293 8.51 -24.46 -10.39
N ILE B 294 8.49 -24.92 -9.13
CA ILE B 294 7.37 -25.72 -8.64
C ILE B 294 6.09 -24.89 -8.63
N ILE B 295 6.18 -23.65 -8.14
CA ILE B 295 5.01 -22.78 -8.11
C ILE B 295 4.57 -22.45 -9.52
N GLY B 296 5.52 -22.13 -10.40
CA GLY B 296 5.17 -21.83 -11.77
C GLY B 296 4.51 -23.00 -12.48
N ALA B 297 5.06 -24.20 -12.30
CA ALA B 297 4.50 -25.38 -12.97
C ALA B 297 3.13 -25.73 -12.41
N THR B 298 3.00 -25.73 -11.08
CA THR B 298 1.73 -26.10 -10.47
C THR B 298 0.64 -25.10 -10.82
N THR B 299 0.98 -23.81 -10.85
CA THR B 299 0.01 -22.80 -11.28
C THR B 299 -0.39 -23.00 -12.73
N ALA B 300 0.57 -23.35 -13.59
CA ALA B 300 0.26 -23.59 -14.99
C ALA B 300 -0.73 -24.74 -15.14
N PHE B 301 -0.53 -25.81 -14.37
CA PHE B 301 -1.45 -26.94 -14.42
C PHE B 301 -2.77 -26.61 -13.73
N PHE B 302 -2.70 -25.96 -12.57
CA PHE B 302 -3.92 -25.69 -11.81
C PHE B 302 -4.89 -24.82 -12.61
N ALA B 303 -4.40 -23.70 -13.14
CA ALA B 303 -5.29 -22.76 -13.80
C ALA B 303 -5.81 -23.31 -15.13
N ALA B 304 -5.09 -24.25 -15.73
CA ALA B 304 -5.55 -24.85 -16.97
C ALA B 304 -6.74 -25.78 -16.72
N THR B 305 -6.70 -26.55 -15.62
CA THR B 305 -7.81 -27.44 -15.30
C THR B 305 -9.06 -26.66 -14.94
N VAL B 306 -8.92 -25.57 -14.19
CA VAL B 306 -10.08 -24.81 -13.75
C VAL B 306 -10.78 -24.16 -14.94
N GLY B 307 -10.00 -23.67 -15.91
CA GLY B 307 -10.58 -23.03 -17.08
C GLY B 307 -11.33 -23.97 -18.00
N LEU B 308 -11.20 -25.28 -17.80
CA LEU B 308 -11.87 -26.24 -18.68
C LEU B 308 -13.39 -26.15 -18.55
N VAL B 309 -13.90 -25.76 -17.37
CA VAL B 309 -15.32 -25.87 -17.07
C VAL B 309 -15.99 -24.51 -16.85
N GLN B 310 -15.24 -23.42 -16.89
CA GLN B 310 -15.84 -22.11 -16.66
C GLN B 310 -16.79 -21.75 -17.79
N ASN B 311 -17.91 -21.12 -17.43
CA ASN B 311 -18.93 -20.72 -18.39
C ASN B 311 -18.94 -19.23 -18.69
N ASP B 312 -18.27 -18.41 -17.88
CA ASP B 312 -18.16 -16.98 -18.14
C ASP B 312 -16.98 -16.73 -19.07
N ILE B 313 -17.21 -15.94 -20.11
CA ILE B 313 -16.17 -15.76 -21.13
C ILE B 313 -14.93 -15.10 -20.53
N LYS B 314 -15.12 -14.08 -19.70
CA LYS B 314 -13.97 -13.39 -19.13
C LYS B 314 -13.24 -14.26 -18.11
N ARG B 315 -13.93 -15.18 -17.45
CA ARG B 315 -13.27 -16.01 -16.46
C ARG B 315 -12.42 -17.09 -17.11
N VAL B 316 -12.80 -17.55 -18.31
CA VAL B 316 -11.94 -18.48 -19.03
C VAL B 316 -10.63 -17.81 -19.37
N ILE B 317 -10.67 -16.56 -19.82
CA ILE B 317 -9.46 -15.83 -20.17
C ILE B 317 -8.68 -15.45 -18.92
N ALA B 318 -9.37 -15.18 -17.81
CA ALA B 318 -8.67 -14.85 -16.58
C ALA B 318 -7.81 -16.00 -16.11
N TYR B 319 -8.34 -17.21 -16.15
CA TYR B 319 -7.57 -18.37 -15.72
C TYR B 319 -6.48 -18.71 -16.71
N SER B 320 -6.68 -18.38 -17.98
CA SER B 320 -5.62 -18.57 -18.97
C SER B 320 -4.43 -17.68 -18.64
N THR B 321 -4.68 -16.49 -18.10
CA THR B 321 -3.58 -15.61 -17.70
C THR B 321 -2.77 -16.22 -16.57
N CYS B 322 -3.45 -16.81 -15.57
CA CYS B 322 -2.74 -17.47 -14.49
C CYS B 322 -1.89 -18.62 -15.03
N SER B 323 -2.45 -19.41 -15.94
CA SER B 323 -1.70 -20.51 -16.51
C SER B 323 -0.48 -20.02 -17.28
N GLN B 324 -0.65 -18.96 -18.07
CA GLN B 324 0.45 -18.48 -18.91
C GLN B 324 1.58 -17.92 -18.07
N LEU B 325 1.26 -17.25 -16.96
CA LEU B 325 2.30 -16.78 -16.06
C LEU B 325 3.04 -17.94 -15.42
N GLY B 326 2.36 -19.08 -15.22
CA GLY B 326 3.06 -20.26 -14.76
C GLY B 326 4.18 -20.66 -15.68
N TYR B 327 3.96 -20.55 -16.99
CA TYR B 327 5.03 -20.85 -17.94
C TYR B 327 6.21 -19.91 -17.76
N MET B 328 5.95 -18.61 -17.58
CA MET B 328 7.04 -17.65 -17.49
C MET B 328 7.88 -17.91 -16.25
N PHE B 329 7.25 -18.27 -15.13
CA PHE B 329 7.99 -18.55 -13.92
C PHE B 329 8.78 -19.85 -14.01
N VAL B 330 8.32 -20.80 -14.82
CA VAL B 330 9.13 -22.00 -15.06
C VAL B 330 10.40 -21.63 -15.82
N ALA B 331 10.28 -20.79 -16.85
CA ALA B 331 11.45 -20.41 -17.63
C ALA B 331 12.47 -19.67 -16.77
N ALA B 332 11.99 -18.72 -15.97
CA ALA B 332 12.89 -18.01 -15.07
C ALA B 332 13.49 -18.95 -14.03
N GLY B 333 12.68 -19.88 -13.52
CA GLY B 333 13.17 -20.78 -12.50
C GLY B 333 14.33 -21.63 -12.99
N VAL B 334 14.24 -22.18 -14.21
CA VAL B 334 15.33 -22.98 -14.76
C VAL B 334 16.50 -22.14 -15.23
N GLY B 335 16.44 -20.82 -15.06
CA GLY B 335 17.56 -19.96 -15.38
C GLY B 335 17.58 -19.39 -16.78
N VAL B 336 16.46 -19.46 -17.50
CA VAL B 336 16.37 -18.84 -18.82
C VAL B 336 15.42 -17.66 -18.70
N TYR B 337 15.96 -16.48 -18.43
CA TYR B 337 15.15 -15.30 -18.19
C TYR B 337 14.74 -14.60 -19.48
N SER B 338 15.53 -14.74 -20.55
CA SER B 338 15.12 -14.18 -21.83
C SER B 338 13.88 -14.88 -22.36
N ALA B 339 13.80 -16.20 -22.19
CA ALA B 339 12.60 -16.93 -22.58
C ALA B 339 11.40 -16.48 -21.75
N ALA B 340 11.62 -16.20 -20.46
CA ALA B 340 10.53 -15.72 -19.62
C ALA B 340 10.00 -14.38 -20.12
N MET B 341 10.88 -13.47 -20.50
CA MET B 341 10.41 -12.21 -21.07
C MET B 341 9.91 -12.36 -22.49
N PHE B 342 10.47 -13.29 -23.26
CA PHE B 342 9.98 -13.49 -24.63
C PHE B 342 8.51 -13.86 -24.61
N HIS B 343 8.11 -14.77 -23.72
CA HIS B 343 6.71 -15.12 -23.58
C HIS B 343 5.92 -13.95 -22.99
N LEU B 344 6.53 -13.19 -22.08
CA LEU B 344 5.86 -12.01 -21.55
C LEU B 344 5.56 -11.02 -22.65
N LEU B 345 6.51 -10.79 -23.56
CA LEU B 345 6.31 -9.84 -24.63
C LEU B 345 5.23 -10.30 -25.59
N THR B 346 5.28 -11.57 -26.01
CA THR B 346 4.26 -12.08 -26.93
C THR B 346 2.92 -12.20 -26.23
N HIS B 347 2.91 -12.60 -24.96
CA HIS B 347 1.66 -12.74 -24.22
C HIS B 347 0.94 -11.41 -24.13
N ALA B 348 1.67 -10.32 -23.94
CA ALA B 348 1.04 -9.01 -23.87
C ALA B 348 0.23 -8.72 -25.12
N PHE B 349 0.67 -9.22 -26.28
CA PHE B 349 -0.03 -8.93 -27.53
C PHE B 349 -1.32 -9.74 -27.65
N PHE B 350 -1.20 -11.06 -27.67
CA PHE B 350 -2.38 -11.88 -27.97
C PHE B 350 -3.32 -12.03 -26.78
N LYS B 351 -2.85 -11.82 -25.55
CA LYS B 351 -3.77 -11.80 -24.42
C LYS B 351 -4.60 -10.52 -24.42
N ALA B 352 -3.95 -9.37 -24.65
CA ALA B 352 -4.69 -8.13 -24.74
C ALA B 352 -5.74 -8.18 -25.85
N MET B 353 -5.44 -8.91 -26.92
CA MET B 353 -6.41 -9.06 -28.00
C MET B 353 -7.56 -9.99 -27.62
N LEU B 354 -7.28 -11.02 -26.81
CA LEU B 354 -8.36 -11.92 -26.41
C LEU B 354 -9.37 -11.24 -25.51
N PHE B 355 -8.91 -10.40 -24.58
CA PHE B 355 -9.86 -9.65 -23.75
C PHE B 355 -10.60 -8.61 -24.57
N LEU B 356 -9.88 -7.81 -25.36
CA LEU B 356 -10.55 -6.79 -26.15
C LEU B 356 -11.52 -7.42 -27.15
N GLY B 357 -11.15 -8.56 -27.72
CA GLY B 357 -12.08 -9.29 -28.56
C GLY B 357 -13.27 -9.82 -27.77
N ALA B 358 -13.01 -10.36 -26.58
CA ALA B 358 -14.10 -10.82 -25.73
C ALA B 358 -15.01 -9.67 -25.33
N GLY B 359 -14.44 -8.51 -25.04
CA GLY B 359 -15.26 -7.35 -24.73
C GLY B 359 -16.15 -6.97 -25.90
N SER B 360 -15.63 -7.06 -27.12
CA SER B 360 -16.44 -6.78 -28.30
C SER B 360 -17.59 -7.77 -28.41
N VAL B 361 -17.33 -9.05 -28.12
CA VAL B 361 -18.42 -10.04 -28.10
C VAL B 361 -19.44 -9.65 -27.03
N ILE B 362 -18.97 -9.30 -25.84
CA ILE B 362 -19.87 -8.86 -24.78
C ILE B 362 -20.59 -7.58 -25.20
N HIS B 363 -19.86 -6.66 -25.82
CA HIS B 363 -20.47 -5.41 -26.27
C HIS B 363 -21.58 -5.68 -27.28
N ALA B 364 -21.36 -6.62 -28.20
CA ALA B 364 -22.36 -6.91 -29.22
C ALA B 364 -23.58 -7.63 -28.63
N MET B 365 -23.40 -8.40 -27.56
CA MET B 365 -24.43 -9.27 -27.04
C MET B 365 -25.15 -8.69 -25.82
N HIS B 366 -25.36 -7.37 -25.80
CA HIS B 366 -26.10 -6.72 -24.72
C HIS B 366 -25.47 -7.04 -23.36
N HIS B 367 -24.15 -7.10 -23.33
CA HIS B 367 -23.39 -7.30 -22.10
C HIS B 367 -23.78 -8.59 -21.40
N GLU B 368 -23.90 -9.65 -22.19
CA GLU B 368 -24.03 -11.01 -21.68
C GLU B 368 -22.64 -11.63 -21.67
N GLN B 369 -22.30 -12.30 -20.56
CA GLN B 369 -20.96 -12.85 -20.39
C GLN B 369 -20.95 -14.37 -20.27
N ASP B 370 -22.10 -15.02 -20.25
CA ASP B 370 -22.20 -16.47 -20.07
C ASP B 370 -22.15 -17.13 -21.45
N MET B 371 -21.17 -18.01 -21.65
CA MET B 371 -21.00 -18.59 -22.99
C MET B 371 -22.16 -19.50 -23.39
N ARG B 372 -23.03 -19.87 -22.46
CA ARG B 372 -24.14 -20.74 -22.80
C ARG B 372 -25.21 -20.04 -23.64
N ASN B 373 -25.12 -18.73 -23.80
CA ASN B 373 -26.06 -17.95 -24.59
C ASN B 373 -25.34 -17.17 -25.69
N TYR B 374 -24.35 -17.81 -26.32
CA TYR B 374 -23.55 -17.17 -27.36
C TYR B 374 -23.54 -17.95 -28.68
N GLY B 375 -24.44 -18.90 -28.88
CA GLY B 375 -24.41 -19.67 -30.11
C GLY B 375 -24.32 -18.82 -31.34
N GLY B 376 -23.88 -19.40 -32.47
CA GLY B 376 -23.73 -18.61 -33.68
C GLY B 376 -22.65 -17.57 -33.50
N LEU B 377 -22.92 -16.35 -33.98
CA LEU B 377 -22.10 -15.15 -33.82
C LEU B 377 -20.87 -15.15 -34.74
N ARG B 378 -20.59 -16.23 -35.47
CA ARG B 378 -19.49 -16.17 -36.41
C ARG B 378 -19.79 -15.21 -37.55
N LYS B 379 -21.03 -15.21 -38.04
CA LYS B 379 -21.41 -14.38 -39.17
C LYS B 379 -21.84 -12.98 -38.75
N LYS B 380 -22.35 -12.82 -37.53
CA LYS B 380 -22.87 -11.53 -37.11
C LYS B 380 -21.77 -10.55 -36.74
N ILE B 381 -20.63 -11.03 -36.26
CA ILE B 381 -19.50 -10.18 -35.90
C ILE B 381 -18.24 -10.74 -36.53
N PRO B 382 -18.07 -10.62 -37.86
CA PRO B 382 -16.92 -11.26 -38.50
C PRO B 382 -15.57 -10.78 -38.01
N LEU B 383 -15.39 -9.48 -37.80
CA LEU B 383 -14.08 -8.97 -37.43
C LEU B 383 -13.70 -9.36 -36.01
N THR B 384 -14.68 -9.49 -35.12
CA THR B 384 -14.40 -9.98 -33.79
C THR B 384 -14.10 -11.47 -33.80
N PHE B 385 -14.74 -12.22 -34.69
CA PHE B 385 -14.47 -13.65 -34.78
C PHE B 385 -13.04 -13.91 -35.21
N TRP B 386 -12.54 -13.16 -36.20
CA TRP B 386 -11.18 -13.38 -36.67
C TRP B 386 -10.15 -12.84 -35.70
N ALA B 387 -10.47 -11.76 -34.97
CA ALA B 387 -9.57 -11.28 -33.94
C ALA B 387 -9.38 -12.32 -32.85
N MET B 388 -10.47 -12.98 -32.45
CA MET B 388 -10.37 -14.02 -31.44
C MET B 388 -9.73 -15.28 -31.99
N MET B 389 -9.96 -15.59 -33.27
CA MET B 389 -9.33 -16.76 -33.87
C MET B 389 -7.81 -16.60 -33.91
N ILE B 390 -7.32 -15.41 -34.27
CA ILE B 390 -5.88 -15.18 -34.28
C ILE B 390 -5.32 -15.26 -32.86
N GLY B 391 -6.06 -14.76 -31.88
CA GLY B 391 -5.61 -14.88 -30.50
C GLY B 391 -5.54 -16.32 -30.04
N THR B 392 -6.53 -17.13 -30.43
CA THR B 392 -6.47 -18.55 -30.11
C THR B 392 -5.29 -19.23 -30.79
N PHE B 393 -5.05 -18.91 -32.06
CA PHE B 393 -3.89 -19.48 -32.74
C PHE B 393 -2.60 -19.15 -31.99
N ALA B 394 -2.49 -17.91 -31.51
CA ALA B 394 -1.27 -17.50 -30.82
C ALA B 394 -1.12 -18.20 -29.48
N ILE B 395 -2.19 -18.20 -28.66
CA ILE B 395 -2.06 -18.74 -27.31
C ILE B 395 -1.90 -20.26 -27.34
N THR B 396 -2.60 -20.93 -28.26
CA THR B 396 -2.49 -22.38 -28.36
C THR B 396 -1.19 -22.83 -28.97
N GLY B 397 -0.45 -21.93 -29.63
CA GLY B 397 0.83 -22.28 -30.20
C GLY B 397 0.70 -22.97 -31.55
N VAL B 398 0.03 -22.32 -32.48
CA VAL B 398 -0.12 -22.86 -33.84
C VAL B 398 1.10 -22.45 -34.66
N GLY B 399 1.73 -23.43 -35.28
CA GLY B 399 2.85 -23.16 -36.17
C GLY B 399 3.30 -24.44 -36.83
N ILE B 400 4.25 -24.31 -37.74
CA ILE B 400 4.82 -25.51 -38.38
C ILE B 400 5.65 -26.26 -37.35
N PRO B 401 5.40 -27.55 -37.13
CA PRO B 401 5.97 -28.23 -35.94
C PRO B 401 7.46 -28.03 -35.72
N LEU B 402 8.30 -28.39 -36.69
CA LEU B 402 9.74 -28.46 -36.47
C LEU B 402 10.49 -27.21 -36.89
N THR B 403 9.81 -26.17 -37.36
CA THR B 403 10.45 -24.96 -37.83
C THR B 403 10.30 -23.84 -36.79
N HIS B 404 10.68 -22.64 -37.18
CA HIS B 404 10.47 -21.44 -36.39
C HIS B 404 9.43 -20.52 -37.04
N LEU B 405 8.47 -21.10 -37.75
CA LEU B 405 7.44 -20.36 -38.46
C LEU B 405 6.12 -20.65 -37.79
N GLY B 406 5.54 -19.63 -37.16
CA GLY B 406 4.27 -19.81 -36.49
C GLY B 406 3.87 -18.55 -35.76
N PHE B 407 2.75 -18.65 -35.05
CA PHE B 407 2.19 -17.50 -34.36
C PHE B 407 3.04 -17.15 -33.15
N ALA B 408 2.69 -16.05 -32.49
CA ALA B 408 3.55 -15.49 -31.45
C ALA B 408 3.81 -16.50 -30.33
N GLY B 409 2.75 -17.12 -29.82
CA GLY B 409 2.90 -18.07 -28.73
C GLY B 409 3.50 -19.39 -29.14
N PHE B 410 3.55 -19.68 -30.45
CA PHE B 410 4.20 -20.91 -30.90
C PHE B 410 5.68 -20.89 -30.59
N LEU B 411 6.34 -19.75 -30.78
CA LEU B 411 7.78 -19.68 -30.60
C LEU B 411 8.17 -19.41 -29.15
N SER B 412 7.39 -18.60 -28.44
CA SER B 412 7.74 -18.28 -27.06
C SER B 412 7.41 -19.42 -26.12
N LYS B 413 6.31 -20.13 -26.35
CA LYS B 413 5.98 -21.26 -25.48
C LYS B 413 6.92 -22.43 -25.70
N ASP B 414 7.24 -22.74 -26.95
CA ASP B 414 8.14 -23.85 -27.22
C ASP B 414 9.54 -23.59 -26.68
N ALA B 415 9.93 -22.33 -26.55
CA ALA B 415 11.19 -22.01 -25.90
C ALA B 415 11.17 -22.40 -24.44
N ILE B 416 10.06 -22.13 -23.74
CA ILE B 416 9.97 -22.45 -22.33
C ILE B 416 9.87 -23.95 -22.10
N ILE B 417 9.08 -24.65 -22.93
CA ILE B 417 8.91 -26.08 -22.73
C ILE B 417 10.22 -26.82 -22.97
N GLU B 418 11.00 -26.36 -23.95
CA GLU B 418 12.34 -26.94 -24.15
C GLU B 418 13.25 -26.63 -22.97
N SER B 419 13.19 -25.39 -22.46
CA SER B 419 13.98 -25.04 -21.29
C SER B 419 13.58 -25.87 -20.09
N ALA B 420 12.28 -26.10 -19.92
CA ALA B 420 11.81 -26.92 -18.81
C ALA B 420 12.32 -28.34 -18.93
N TYR B 421 12.36 -28.88 -20.16
CA TYR B 421 12.86 -30.24 -20.32
C TYR B 421 14.29 -30.37 -19.85
N ALA B 422 15.12 -29.37 -20.16
CA ALA B 422 16.51 -29.35 -19.71
C ALA B 422 16.66 -28.89 -18.27
N GLY B 423 15.61 -28.34 -17.66
CA GLY B 423 15.71 -27.82 -16.31
C GLY B 423 15.00 -28.65 -15.26
N SER B 424 13.84 -29.20 -15.59
CA SER B 424 13.05 -29.96 -14.61
C SER B 424 12.15 -30.93 -15.34
N GLY B 425 12.28 -32.22 -15.04
CA GLY B 425 11.35 -33.19 -15.58
C GLY B 425 9.94 -32.99 -15.03
N TYR B 426 9.83 -32.62 -13.76
CA TYR B 426 8.54 -32.30 -13.18
C TYR B 426 7.85 -31.19 -13.94
N ALA B 427 8.54 -30.07 -14.13
CA ALA B 427 7.94 -28.92 -14.81
C ALA B 427 7.60 -29.27 -16.26
N PHE B 428 8.47 -30.00 -16.94
CA PHE B 428 8.25 -30.25 -18.37
C PHE B 428 6.94 -31.00 -18.59
N TRP B 429 6.68 -32.03 -17.80
CA TRP B 429 5.47 -32.82 -18.01
C TRP B 429 4.22 -32.05 -17.63
N LEU B 430 4.29 -31.26 -16.55
CA LEU B 430 3.14 -30.44 -16.18
C LEU B 430 2.87 -29.37 -17.23
N LEU B 431 3.90 -28.88 -17.91
CA LEU B 431 3.69 -27.85 -18.91
C LEU B 431 3.07 -28.42 -20.19
N VAL B 432 3.53 -29.59 -20.64
CA VAL B 432 2.95 -30.17 -21.85
C VAL B 432 1.51 -30.60 -21.59
N ILE B 433 1.25 -31.17 -20.41
CA ILE B 433 -0.13 -31.52 -20.06
C ILE B 433 -0.98 -30.26 -20.01
N ALA B 434 -0.47 -29.20 -19.38
CA ALA B 434 -1.21 -27.94 -19.33
C ALA B 434 -1.41 -27.38 -20.73
N ALA B 435 -0.45 -27.59 -21.63
CA ALA B 435 -0.62 -27.14 -23.01
C ALA B 435 -1.80 -27.83 -23.68
N CYS B 436 -1.99 -29.11 -23.38
CA CYS B 436 -3.15 -29.83 -23.92
C CYS B 436 -4.45 -29.22 -23.41
N PHE B 437 -4.52 -28.94 -22.11
CA PHE B 437 -5.70 -28.30 -21.54
C PHE B 437 -5.89 -26.90 -22.09
N THR B 438 -4.79 -26.17 -22.35
CA THR B 438 -4.92 -24.84 -22.90
C THR B 438 -5.63 -24.86 -24.24
N SER B 439 -5.31 -25.85 -25.08
CA SER B 439 -5.98 -25.96 -26.37
C SER B 439 -7.45 -26.27 -26.21
N PHE B 440 -7.79 -27.13 -25.25
CA PHE B 440 -9.20 -27.51 -25.09
C PHE B 440 -10.05 -26.30 -24.71
N TYR B 441 -9.66 -25.57 -23.67
CA TYR B 441 -10.53 -24.48 -23.23
C TYR B 441 -10.45 -23.26 -24.12
N SER B 442 -9.37 -23.11 -24.90
CA SER B 442 -9.32 -22.03 -25.88
C SER B 442 -10.27 -22.31 -27.04
N TRP B 443 -10.27 -23.55 -27.53
CA TRP B 443 -11.17 -23.92 -28.61
C TRP B 443 -12.59 -24.15 -28.10
N ARG B 444 -12.75 -24.52 -26.84
CA ARG B 444 -14.07 -24.54 -26.24
C ARG B 444 -14.69 -23.15 -26.24
N LEU B 445 -13.87 -22.13 -25.99
CA LEU B 445 -14.35 -20.76 -26.05
C LEU B 445 -14.80 -20.38 -27.45
N ILE B 446 -14.03 -20.75 -28.46
CA ILE B 446 -14.38 -20.41 -29.84
C ILE B 446 -15.65 -21.12 -30.27
N PHE B 447 -15.73 -22.43 -30.03
CA PHE B 447 -16.87 -23.19 -30.51
C PHE B 447 -18.15 -22.84 -29.78
N LEU B 448 -18.06 -22.56 -28.48
CA LEU B 448 -19.26 -22.26 -27.72
C LEU B 448 -19.86 -20.92 -28.12
N THR B 449 -19.05 -19.96 -28.55
CA THR B 449 -19.53 -18.62 -28.83
C THR B 449 -19.68 -18.31 -30.31
N PHE B 450 -18.87 -18.89 -31.18
CA PHE B 450 -18.89 -18.53 -32.59
C PHE B 450 -19.49 -19.59 -33.49
N TYR B 451 -19.59 -20.83 -33.04
CA TYR B 451 -20.07 -21.94 -33.86
C TYR B 451 -21.35 -22.50 -33.25
N GLY B 452 -21.93 -23.48 -33.95
CA GLY B 452 -23.16 -24.09 -33.50
C GLY B 452 -24.37 -23.28 -33.91
N LYS B 453 -25.45 -23.41 -33.16
CA LYS B 453 -26.68 -22.71 -33.47
C LYS B 453 -26.91 -21.57 -32.47
N PRO B 454 -27.50 -20.45 -32.90
CA PRO B 454 -27.81 -19.38 -31.95
C PRO B 454 -28.58 -19.89 -30.74
N ARG B 455 -28.02 -19.69 -29.57
CA ARG B 455 -28.49 -20.34 -28.35
C ARG B 455 -28.71 -19.27 -27.28
N GLY B 456 -29.75 -19.44 -26.49
CA GLY B 456 -30.19 -18.40 -25.57
C GLY B 456 -31.35 -17.61 -26.12
N ASP B 457 -31.48 -16.38 -25.60
CA ASP B 457 -32.55 -15.50 -26.04
C ASP B 457 -32.27 -14.97 -27.45
N HIS B 458 -33.31 -14.85 -28.25
CA HIS B 458 -33.16 -14.44 -29.64
C HIS B 458 -33.13 -12.91 -29.82
N HIS B 459 -33.50 -12.15 -28.78
CA HIS B 459 -33.51 -10.69 -28.92
C HIS B 459 -32.10 -10.15 -29.10
N ALA B 460 -31.16 -10.60 -28.26
CA ALA B 460 -29.78 -10.15 -28.40
C ALA B 460 -29.13 -10.72 -29.64
N HIS B 461 -29.43 -11.97 -29.98
CA HIS B 461 -28.82 -12.59 -31.14
C HIS B 461 -29.22 -11.90 -32.43
N ASP B 462 -30.47 -11.46 -32.53
CA ASP B 462 -30.92 -10.79 -33.75
C ASP B 462 -30.35 -9.39 -33.86
N HIS B 463 -30.07 -8.75 -32.74
CA HIS B 463 -29.54 -7.38 -32.73
C HIS B 463 -28.01 -7.34 -32.72
N ALA B 464 -27.34 -8.50 -32.67
CA ALA B 464 -25.89 -8.50 -32.63
C ALA B 464 -25.32 -7.87 -33.89
N HIS B 465 -24.38 -6.96 -33.70
CA HIS B 465 -23.73 -6.28 -34.82
C HIS B 465 -22.30 -5.94 -34.40
N GLU B 466 -21.46 -5.71 -35.39
CA GLU B 466 -20.03 -5.54 -35.15
C GLU B 466 -19.76 -4.22 -34.44
N SER B 467 -18.67 -4.20 -33.67
CA SER B 467 -18.32 -3.04 -32.88
C SER B 467 -17.81 -1.90 -33.78
N PRO B 468 -17.81 -0.67 -33.29
CA PRO B 468 -17.40 0.47 -34.12
C PRO B 468 -15.92 0.41 -34.44
N PRO B 469 -15.47 1.14 -35.46
CA PRO B 469 -14.05 1.10 -35.82
C PRO B 469 -13.12 1.46 -34.67
N VAL B 470 -13.52 2.39 -33.81
CA VAL B 470 -12.65 2.80 -32.71
C VAL B 470 -12.33 1.60 -31.82
N MET B 471 -13.21 0.60 -31.81
CA MET B 471 -13.01 -0.61 -31.02
C MET B 471 -12.27 -1.70 -31.79
N THR B 472 -12.44 -1.76 -33.11
CA THR B 472 -11.85 -2.83 -33.90
C THR B 472 -10.43 -2.53 -34.36
N ILE B 473 -10.09 -1.27 -34.58
CA ILE B 473 -8.73 -0.94 -35.00
C ILE B 473 -7.70 -1.35 -33.95
N PRO B 474 -7.91 -1.08 -32.65
CA PRO B 474 -6.96 -1.60 -31.66
C PRO B 474 -6.81 -3.11 -31.73
N LEU B 475 -7.89 -3.83 -32.02
CA LEU B 475 -7.78 -5.28 -32.21
C LEU B 475 -6.91 -5.61 -33.41
N GLY B 476 -7.06 -4.85 -34.50
CA GLY B 476 -6.24 -5.10 -35.66
C GLY B 476 -4.76 -4.88 -35.39
N VAL B 477 -4.44 -3.81 -34.65
CA VAL B 477 -3.04 -3.53 -34.34
C VAL B 477 -2.43 -4.65 -33.51
N LEU B 478 -3.17 -5.13 -32.51
CA LEU B 478 -2.66 -6.21 -31.69
C LEU B 478 -2.46 -7.48 -32.50
N ALA B 479 -3.35 -7.74 -33.46
CA ALA B 479 -3.19 -8.92 -34.30
C ALA B 479 -1.87 -8.90 -35.05
N ILE B 480 -1.37 -7.71 -35.40
CA ILE B 480 -0.06 -7.63 -36.05
C ILE B 480 1.02 -8.18 -35.13
N GLY B 481 0.95 -7.85 -33.84
CA GLY B 481 1.90 -8.39 -32.90
C GLY B 481 1.67 -9.86 -32.59
N ALA B 482 0.41 -10.28 -32.55
CA ALA B 482 0.10 -11.67 -32.24
C ALA B 482 0.53 -12.63 -33.33
N VAL B 483 0.91 -12.13 -34.51
CA VAL B 483 1.33 -12.97 -35.61
C VAL B 483 2.83 -12.90 -35.83
N PHE B 484 3.41 -11.70 -35.77
CA PHE B 484 4.80 -11.50 -36.11
C PHE B 484 5.71 -11.27 -34.92
N ALA B 485 5.17 -11.09 -33.72
CA ALA B 485 6.04 -10.83 -32.57
C ALA B 485 6.96 -12.01 -32.28
N GLY B 486 6.43 -13.23 -32.34
CA GLY B 486 7.26 -14.39 -32.05
C GLY B 486 8.39 -14.56 -33.06
N MET B 487 8.07 -14.45 -34.35
CA MET B 487 9.09 -14.65 -35.38
C MET B 487 10.09 -13.51 -35.40
N VAL B 488 9.66 -12.29 -35.08
CA VAL B 488 10.56 -11.14 -35.14
C VAL B 488 11.60 -11.22 -34.04
N TRP B 489 11.19 -11.50 -32.81
CA TRP B 489 12.05 -11.41 -31.65
C TRP B 489 12.54 -12.76 -31.15
N TYR B 490 12.33 -13.84 -31.90
CA TYR B 490 12.81 -15.14 -31.45
C TYR B 490 14.33 -15.16 -31.33
N GLY B 491 15.02 -14.58 -32.31
CA GLY B 491 16.47 -14.59 -32.32
C GLY B 491 17.09 -13.80 -31.18
N PRO B 492 16.70 -12.54 -31.01
CA PRO B 492 17.27 -11.74 -29.92
C PRO B 492 17.01 -12.29 -28.54
N PHE B 493 15.93 -13.04 -28.35
CA PHE B 493 15.54 -13.52 -27.02
C PHE B 493 15.96 -14.95 -26.75
N PHE B 494 15.82 -15.85 -27.73
CA PHE B 494 16.13 -17.26 -27.51
C PHE B 494 16.97 -17.90 -28.61
N GLY B 495 16.99 -17.36 -29.82
CA GLY B 495 17.58 -18.04 -30.94
C GLY B 495 19.04 -18.41 -30.76
N ASP B 496 19.92 -17.42 -30.72
CA ASP B 496 21.35 -17.65 -30.67
C ASP B 496 21.93 -17.05 -29.40
N HIS B 497 22.81 -17.80 -28.73
CA HIS B 497 23.34 -17.35 -27.46
C HIS B 497 24.15 -16.05 -27.62
N HIS B 498 24.97 -15.97 -28.67
CA HIS B 498 25.72 -14.74 -28.91
C HIS B 498 24.78 -13.58 -29.18
N LYS B 499 23.73 -13.82 -29.98
CA LYS B 499 22.76 -12.78 -30.28
C LYS B 499 22.04 -12.33 -29.01
N VAL B 500 21.71 -13.27 -28.13
CA VAL B 500 21.04 -12.95 -26.88
C VAL B 500 21.98 -12.17 -25.96
N THR B 501 23.27 -12.51 -25.99
CA THR B 501 24.22 -11.85 -25.09
C THR B 501 24.32 -10.36 -25.38
N GLU B 502 24.40 -9.98 -26.65
CA GLU B 502 24.51 -8.56 -26.98
C GLU B 502 23.19 -7.85 -26.79
N TYR B 503 22.07 -8.51 -27.09
CA TYR B 503 20.77 -7.87 -26.96
C TYR B 503 20.52 -7.43 -25.52
N PHE B 504 20.76 -8.32 -24.57
CA PHE B 504 20.59 -8.01 -23.15
C PHE B 504 21.87 -7.45 -22.54
N HIS B 505 22.90 -7.21 -23.34
CA HIS B 505 24.20 -6.72 -22.90
C HIS B 505 24.61 -7.35 -21.57
N ILE B 506 24.70 -8.68 -21.60
CA ILE B 506 25.04 -9.45 -20.41
C ILE B 506 26.54 -9.43 -20.17
N ILE B 551 34.15 -16.13 -10.81
CA ILE B 551 32.98 -15.54 -11.44
C ILE B 551 32.98 -14.03 -11.24
N ALA B 552 32.90 -13.29 -12.34
CA ALA B 552 32.85 -11.84 -12.28
C ALA B 552 31.55 -11.38 -11.62
N ALA B 553 31.55 -10.12 -11.19
CA ALA B 553 30.37 -9.56 -10.56
C ALA B 553 29.22 -9.50 -11.57
N PRO B 554 28.03 -9.98 -11.22
CA PRO B 554 26.90 -10.00 -12.18
C PRO B 554 26.22 -8.65 -12.32
N VAL B 555 26.96 -7.68 -12.87
CA VAL B 555 26.50 -6.30 -12.95
C VAL B 555 26.66 -5.81 -14.39
N GLY B 556 25.89 -4.77 -14.72
CA GLY B 556 25.98 -4.11 -16.00
C GLY B 556 25.02 -4.62 -17.05
N GLY B 557 24.39 -5.77 -16.84
CA GLY B 557 23.50 -6.34 -17.83
C GLY B 557 22.04 -6.22 -17.45
N ALA B 558 21.15 -6.44 -18.43
CA ALA B 558 19.72 -6.46 -18.14
C ALA B 558 19.32 -7.72 -17.39
N ILE B 559 19.91 -8.86 -17.76
CA ILE B 559 19.73 -10.11 -17.04
C ILE B 559 21.11 -10.74 -16.86
N TYR B 560 21.18 -11.66 -15.91
CA TYR B 560 22.40 -12.41 -15.64
C TYR B 560 22.12 -13.89 -15.69
N MET B 561 23.04 -14.65 -16.29
CA MET B 561 23.01 -16.10 -16.26
C MET B 561 24.36 -16.59 -15.77
N HIS B 562 24.34 -17.47 -14.77
CA HIS B 562 25.58 -17.96 -14.20
C HIS B 562 26.37 -18.76 -15.24
N PRO B 563 27.70 -18.73 -15.17
CA PRO B 563 28.48 -19.54 -16.13
C PRO B 563 28.15 -21.02 -16.08
N ASP B 564 27.89 -21.57 -14.89
CA ASP B 564 27.49 -22.96 -14.76
C ASP B 564 26.09 -23.23 -15.27
N ASN B 565 25.32 -22.19 -15.59
CA ASN B 565 23.97 -22.34 -16.13
C ASN B 565 24.07 -22.57 -17.63
N HIS B 566 23.70 -23.77 -18.07
CA HIS B 566 23.72 -24.13 -19.48
C HIS B 566 22.36 -24.56 -20.00
N ILE B 567 21.28 -24.29 -19.27
CA ILE B 567 19.97 -24.78 -19.69
C ILE B 567 19.60 -24.21 -21.05
N MET B 568 19.98 -22.95 -21.30
CA MET B 568 19.67 -22.35 -22.60
C MET B 568 20.33 -23.12 -23.73
N ASP B 569 21.59 -23.52 -23.56
CA ASP B 569 22.26 -24.31 -24.59
C ASP B 569 21.62 -25.68 -24.72
N GLU B 570 21.33 -26.34 -23.60
CA GLU B 570 20.72 -27.66 -23.65
C GLU B 570 19.34 -27.61 -24.28
N ALA B 571 18.61 -26.51 -24.11
CA ALA B 571 17.28 -26.40 -24.69
C ALA B 571 17.34 -26.49 -26.21
N HIS B 572 18.37 -25.90 -26.81
CA HIS B 572 18.52 -25.99 -28.26
C HIS B 572 18.87 -27.40 -28.71
N HIS B 573 19.42 -28.23 -27.84
CA HIS B 573 19.81 -29.59 -28.16
C HIS B 573 18.75 -30.61 -27.74
N ALA B 574 17.56 -30.17 -27.37
CA ALA B 574 16.53 -31.10 -26.94
C ALA B 574 16.15 -32.02 -28.08
N PRO B 575 15.73 -33.26 -27.78
CA PRO B 575 15.40 -34.20 -28.85
C PRO B 575 14.20 -33.72 -29.65
N ALA B 576 14.02 -34.35 -30.82
CA ALA B 576 12.93 -33.96 -31.70
C ALA B 576 11.58 -34.16 -31.04
N TRP B 577 11.42 -35.27 -30.30
CA TRP B 577 10.14 -35.52 -29.66
C TRP B 577 9.81 -34.47 -28.61
N VAL B 578 10.83 -33.90 -27.97
CA VAL B 578 10.57 -32.81 -27.04
C VAL B 578 10.14 -31.56 -27.79
N LYS B 579 10.80 -31.27 -28.92
CA LYS B 579 10.49 -30.04 -29.65
C LYS B 579 9.10 -30.06 -30.26
N VAL B 580 8.58 -31.25 -30.60
CA VAL B 580 7.26 -31.35 -31.21
C VAL B 580 6.17 -31.59 -30.19
N SER B 581 6.51 -31.98 -28.96
CA SER B 581 5.50 -32.31 -27.97
C SER B 581 4.48 -31.21 -27.75
N PRO B 582 4.82 -29.92 -27.76
CA PRO B 582 3.75 -28.91 -27.64
C PRO B 582 2.70 -29.02 -28.74
N PHE B 583 3.12 -29.33 -29.97
CA PHE B 583 2.19 -29.44 -31.07
C PHE B 583 1.22 -30.59 -30.87
N VAL B 584 1.73 -31.76 -30.49
CA VAL B 584 0.88 -32.92 -30.30
C VAL B 584 -0.13 -32.65 -29.19
N ALA B 585 0.31 -32.03 -28.10
CA ALA B 585 -0.63 -31.66 -27.05
C ALA B 585 -1.66 -30.66 -27.56
N MET B 586 -1.22 -29.72 -28.40
CA MET B 586 -2.17 -28.77 -28.97
C MET B 586 -3.23 -29.48 -29.80
N VAL B 587 -2.81 -30.40 -30.68
CA VAL B 587 -3.77 -31.05 -31.56
C VAL B 587 -4.72 -31.93 -30.76
N LEU B 588 -4.21 -32.59 -29.71
CA LEU B 588 -5.06 -33.45 -28.90
C LEU B 588 -6.16 -32.65 -28.22
N GLY B 589 -5.84 -31.47 -27.70
CA GLY B 589 -6.86 -30.62 -27.12
C GLY B 589 -7.83 -30.09 -28.15
N LEU B 590 -7.33 -29.71 -29.33
CA LEU B 590 -8.20 -29.21 -30.39
C LEU B 590 -9.19 -30.27 -30.85
N ILE B 591 -8.71 -31.50 -31.05
CA ILE B 591 -9.60 -32.57 -31.51
C ILE B 591 -10.65 -32.87 -30.44
N THR B 592 -10.25 -32.89 -29.18
CA THR B 592 -11.22 -33.14 -28.11
C THR B 592 -12.28 -32.07 -28.06
N ALA B 593 -11.88 -30.80 -28.19
CA ALA B 593 -12.86 -29.72 -28.19
C ALA B 593 -13.79 -29.82 -29.39
N TRP B 594 -13.24 -30.13 -30.57
CA TRP B 594 -14.09 -30.29 -31.75
C TRP B 594 -15.07 -31.43 -31.58
N THR B 595 -14.62 -32.55 -31.01
CA THR B 595 -15.49 -33.70 -30.80
C THR B 595 -16.52 -33.45 -29.70
N PHE B 596 -16.34 -32.41 -28.90
CA PHE B 596 -17.23 -32.15 -27.77
C PHE B 596 -18.30 -31.12 -28.06
N TYR B 597 -18.10 -30.25 -29.06
CA TYR B 597 -19.01 -29.13 -29.27
C TYR B 597 -19.52 -29.07 -30.69
N ILE B 598 -18.72 -29.52 -31.65
CA ILE B 598 -19.16 -29.53 -33.04
C ILE B 598 -19.86 -30.85 -33.32
N ALA B 599 -19.13 -31.95 -33.15
CA ALA B 599 -19.68 -33.29 -33.29
C ALA B 599 -20.09 -33.83 -31.92
N ASN B 600 -21.17 -34.61 -31.91
CA ASN B 600 -21.68 -35.20 -30.68
C ASN B 600 -21.66 -34.20 -29.53
N PRO B 601 -22.46 -33.13 -29.60
CA PRO B 601 -22.41 -32.11 -28.55
C PRO B 601 -22.98 -32.55 -27.21
N SER B 602 -23.37 -33.81 -27.05
CA SER B 602 -23.84 -34.32 -25.77
C SER B 602 -22.72 -34.90 -24.93
N LEU B 603 -21.53 -35.06 -25.48
CA LEU B 603 -20.43 -35.63 -24.70
C LEU B 603 -20.07 -34.81 -23.48
N PRO B 604 -19.97 -33.49 -23.54
CA PRO B 604 -19.65 -32.73 -22.31
C PRO B 604 -20.65 -32.97 -21.19
N ARG B 605 -21.93 -33.12 -21.53
CA ARG B 605 -22.94 -33.36 -20.50
C ARG B 605 -22.80 -34.75 -19.89
N ARG B 606 -22.61 -35.76 -20.76
CA ARG B 606 -22.55 -37.13 -20.27
C ARG B 606 -21.33 -37.33 -19.37
N LEU B 607 -20.18 -36.81 -19.76
CA LEU B 607 -18.96 -37.03 -18.99
C LEU B 607 -19.08 -36.44 -17.60
N ALA B 608 -19.61 -35.22 -17.48
CA ALA B 608 -19.76 -34.60 -16.18
C ALA B 608 -20.66 -35.43 -15.28
N ALA B 609 -21.69 -36.06 -15.84
CA ALA B 609 -22.51 -36.98 -15.06
C ALA B 609 -21.72 -38.19 -14.63
N GLN B 610 -20.86 -38.71 -15.51
CA GLN B 610 -20.05 -39.87 -15.15
C GLN B 610 -19.08 -39.56 -14.03
N GLN B 611 -18.58 -38.32 -13.97
CA GLN B 611 -17.59 -37.90 -12.99
C GLN B 611 -18.08 -36.63 -12.31
N PRO B 612 -19.12 -36.73 -11.48
CA PRO B 612 -19.71 -35.52 -10.90
C PRO B 612 -18.84 -34.87 -9.83
N ALA B 613 -18.16 -35.68 -9.01
CA ALA B 613 -17.32 -35.11 -7.96
C ALA B 613 -16.19 -34.28 -8.55
N LEU B 614 -15.54 -34.79 -9.59
CA LEU B 614 -14.44 -34.05 -10.20
C LEU B 614 -14.96 -32.80 -10.90
N TYR B 615 -16.14 -32.88 -11.52
CA TYR B 615 -16.71 -31.71 -12.16
C TYR B 615 -16.96 -30.59 -11.16
N ARG B 616 -17.53 -30.93 -10.01
CA ARG B 616 -17.74 -29.91 -8.97
C ARG B 616 -16.41 -29.35 -8.49
N PHE B 617 -15.39 -30.20 -8.38
CA PHE B 617 -14.08 -29.73 -7.94
C PHE B 617 -13.55 -28.64 -8.87
N LEU B 618 -13.59 -28.88 -10.18
CA LEU B 618 -13.09 -27.88 -11.12
C LEU B 618 -14.01 -26.67 -11.18
N LEU B 619 -15.32 -26.90 -11.20
CA LEU B 619 -16.27 -25.79 -11.28
C LEU B 619 -16.11 -24.85 -10.09
N ASN B 620 -15.86 -25.40 -8.91
CA ASN B 620 -15.65 -24.60 -7.71
C ASN B 620 -14.22 -24.15 -7.54
N LYS B 621 -13.36 -24.40 -8.53
CA LYS B 621 -12.04 -23.78 -8.60
C LYS B 621 -11.11 -24.34 -7.52
N TRP B 622 -11.25 -25.64 -7.23
CA TRP B 622 -10.47 -26.33 -6.21
C TRP B 622 -10.77 -25.83 -4.80
N TYR B 623 -11.84 -25.07 -4.62
CA TYR B 623 -12.34 -24.67 -3.31
C TYR B 623 -11.36 -23.79 -2.53
N PHE B 624 -10.47 -23.08 -3.22
CA PHE B 624 -9.52 -22.23 -2.50
C PHE B 624 -10.22 -21.10 -1.77
N ASP B 625 -11.21 -20.47 -2.42
CA ASP B 625 -11.94 -19.38 -1.78
C ASP B 625 -12.66 -19.86 -0.54
N GLU B 626 -13.31 -21.02 -0.61
CA GLU B 626 -14.00 -21.57 0.55
C GLU B 626 -13.03 -21.90 1.67
N ILE B 627 -11.85 -22.43 1.33
CA ILE B 627 -10.86 -22.78 2.33
C ILE B 627 -10.39 -21.53 3.06
N TYR B 628 -10.08 -20.47 2.31
CA TYR B 628 -9.54 -19.26 2.92
C TYR B 628 -10.56 -18.59 3.81
N GLU B 629 -11.84 -18.63 3.45
CA GLU B 629 -12.88 -18.12 4.33
C GLU B 629 -12.90 -18.88 5.65
N PHE B 630 -12.71 -20.19 5.59
CA PHE B 630 -12.73 -21.00 6.80
C PHE B 630 -11.53 -20.73 7.69
N ILE B 631 -10.36 -20.52 7.09
CA ILE B 631 -9.11 -20.48 7.85
C ILE B 631 -8.69 -19.06 8.17
N PHE B 632 -9.01 -18.10 7.31
CA PHE B 632 -8.53 -16.73 7.47
C PHE B 632 -9.64 -15.73 7.77
N VAL B 633 -10.63 -15.61 6.89
CA VAL B 633 -11.58 -14.50 7.00
C VAL B 633 -12.43 -14.65 8.24
N ARG B 634 -13.12 -15.78 8.37
CA ARG B 634 -13.99 -15.97 9.53
C ARG B 634 -13.22 -16.02 10.84
N PRO B 635 -12.12 -16.77 10.96
CA PRO B 635 -11.37 -16.74 12.22
C PRO B 635 -10.86 -15.36 12.61
N ALA B 636 -10.46 -14.54 11.63
CA ALA B 636 -9.99 -13.20 11.93
C ALA B 636 -11.10 -12.35 12.53
N LYS B 637 -12.31 -12.43 11.97
CA LYS B 637 -13.44 -11.70 12.53
C LYS B 637 -13.79 -12.22 13.92
N TRP B 638 -13.78 -13.54 14.10
CA TRP B 638 -14.07 -14.10 15.42
C TRP B 638 -13.02 -13.69 16.44
N LEU B 639 -11.75 -13.72 16.05
CA LEU B 639 -10.69 -13.34 16.97
C LEU B 639 -10.80 -11.88 17.37
N GLY B 640 -11.07 -11.00 16.41
CA GLY B 640 -11.20 -9.60 16.72
C GLY B 640 -12.35 -9.33 17.68
N ARG B 641 -13.48 -10.00 17.48
CA ARG B 641 -14.62 -9.83 18.37
C ARG B 641 -14.29 -10.34 19.77
N VAL B 642 -13.60 -11.48 19.86
CA VAL B 642 -13.22 -12.02 21.17
C VAL B 642 -12.23 -11.11 21.87
N LEU B 643 -11.25 -10.58 21.14
CA LEU B 643 -10.31 -9.66 21.75
C LEU B 643 -11.01 -8.38 22.18
N TRP B 644 -11.96 -7.91 21.38
CA TRP B 644 -12.65 -6.66 21.69
C TRP B 644 -13.50 -6.81 22.96
N LYS B 645 -14.33 -7.84 23.02
CA LYS B 645 -15.22 -8.02 24.16
C LYS B 645 -14.61 -8.85 25.27
N GLY B 646 -13.69 -9.74 24.94
CA GLY B 646 -13.06 -10.57 25.94
C GLY B 646 -11.85 -9.91 26.58
N GLY B 647 -10.96 -9.39 25.75
CA GLY B 647 -9.75 -8.76 26.27
C GLY B 647 -9.97 -7.36 26.79
N ASP B 648 -10.32 -6.43 25.90
CA ASP B 648 -10.50 -5.04 26.32
C ASP B 648 -11.68 -4.88 27.26
N GLY B 649 -12.78 -5.59 26.98
CA GLY B 649 -14.00 -5.41 27.73
C GLY B 649 -14.00 -6.09 29.07
N ALA B 650 -13.71 -7.39 29.10
CA ALA B 650 -13.87 -8.18 30.31
C ALA B 650 -12.58 -8.29 31.13
N VAL B 651 -11.43 -8.37 30.50
CA VAL B 651 -10.18 -8.58 31.22
C VAL B 651 -9.53 -7.26 31.59
N ILE B 652 -9.36 -6.35 30.63
CA ILE B 652 -8.64 -5.11 30.89
C ILE B 652 -9.55 -4.08 31.55
N ASP B 653 -10.64 -3.72 30.87
CA ASP B 653 -11.58 -2.78 31.48
C ASP B 653 -12.28 -3.37 32.68
N GLY B 654 -12.52 -4.68 32.68
CA GLY B 654 -13.11 -5.31 33.85
C GLY B 654 -12.25 -5.12 35.08
N THR B 655 -10.93 -5.19 34.92
CA THR B 655 -10.03 -4.97 36.04
C THR B 655 -9.99 -3.49 36.42
N ILE B 656 -9.84 -2.61 35.43
CA ILE B 656 -9.77 -1.18 35.70
C ILE B 656 -11.07 -0.71 36.35
N ASN B 657 -12.20 -1.07 35.77
CA ASN B 657 -13.49 -0.71 36.37
C ASN B 657 -13.70 -1.42 37.70
N GLY B 658 -13.16 -2.63 37.85
CA GLY B 658 -13.26 -3.31 39.13
C GLY B 658 -12.56 -2.57 40.24
N VAL B 659 -11.39 -2.00 39.94
CA VAL B 659 -10.65 -1.22 40.92
C VAL B 659 -11.09 0.24 40.85
#